data_3S1X
#
_entry.id   3S1X
#
_cell.length_a   148.579
_cell.length_b   172.802
_cell.length_c   100.362
_cell.angle_alpha   90.000
_cell.angle_beta   90.000
_cell.angle_gamma   90.000
#
_symmetry.space_group_name_H-M   'C 2 2 21'
#
loop_
_entity.id
_entity.type
_entity.pdbx_description
1 polymer 'Probable transaldolase'
2 non-polymer 'D-ALTRO-HEPT-2-ULOSE 7-PHOSPHATE'
3 water water
#
_entity_poly.entity_id   1
_entity_poly.type   'polypeptide(L)'
_entity_poly.pdbx_seq_one_letter_code
;MKIFLDTANIDEIRTGVNWGIVDGVTTNPTLISKEAVNGKKYGDIIREILKIVDGPVSVEVVSTKYEGMVEEARKIHGLG
DNAVVKIPMTEDGLRAIKTLSSEHINTNCTLVFNPIQALLAAKAGVTYVSPFVGRLDDIGEDGMQIIDMIRTIFNNYIIK
TQILVASIRNPIHVLRSAVIGADVVTVPFNVLKSLMKHPKTDEGLAKFLEDWKKVSPDGKLIL
;
_entity_poly.pdbx_strand_id   A,B,C,D,E
#
# COMPACT_ATOMS: atom_id res chain seq x y z
N MET A 1 2.92 15.04 -14.26
CA MET A 1 2.43 16.34 -13.80
C MET A 1 2.48 17.29 -14.99
N LYS A 2 1.35 17.94 -15.31
CA LYS A 2 1.36 18.96 -16.34
C LYS A 2 1.90 20.24 -15.74
N ILE A 3 2.55 21.03 -16.59
CA ILE A 3 3.12 22.31 -16.16
C ILE A 3 2.50 23.44 -16.99
N PHE A 4 1.74 24.32 -16.34
CA PHE A 4 1.17 25.47 -17.05
C PHE A 4 1.95 26.74 -16.73
N LEU A 5 1.86 27.74 -17.62
CA LEU A 5 2.43 29.05 -17.37
C LEU A 5 1.35 29.98 -16.83
N ASP A 6 1.65 30.65 -15.71
CA ASP A 6 0.69 31.52 -15.02
C ASP A 6 0.99 32.99 -15.33
N THR A 7 0.49 33.49 -16.45
CA THR A 7 0.81 34.84 -16.91
C THR A 7 -0.14 35.20 -18.04
N ALA A 8 -0.23 36.49 -18.34
CA ALA A 8 -0.97 36.94 -19.52
C ALA A 8 0.02 37.63 -20.45
N ASN A 9 1.30 37.58 -20.10
CA ASN A 9 2.33 38.20 -20.94
C ASN A 9 2.59 37.35 -22.18
N ILE A 10 2.27 37.88 -23.36
CA ILE A 10 2.29 37.07 -24.56
C ILE A 10 3.71 36.66 -24.96
N ASP A 11 4.68 37.55 -24.75
CA ASP A 11 6.08 37.23 -24.99
C ASP A 11 6.55 36.05 -24.14
N GLU A 12 6.13 36.03 -22.88
CA GLU A 12 6.52 34.95 -21.98
C GLU A 12 5.92 33.65 -22.50
N ILE A 13 4.64 33.73 -22.85
CA ILE A 13 3.91 32.56 -23.32
C ILE A 13 4.51 32.02 -24.61
N ARG A 14 4.80 32.91 -25.55
CA ARG A 14 5.41 32.46 -26.80
C ARG A 14 6.74 31.76 -26.55
N THR A 15 7.57 32.37 -25.71
CA THR A 15 8.86 31.80 -25.37
C THR A 15 8.72 30.42 -24.71
N GLY A 16 7.82 30.28 -23.75
CA GLY A 16 7.67 29.03 -23.02
C GLY A 16 7.13 27.92 -23.91
N VAL A 17 6.18 28.28 -24.76
CA VAL A 17 5.62 27.34 -25.72
C VAL A 17 6.69 26.88 -26.71
N ASN A 18 7.50 27.82 -27.19
CA ASN A 18 8.59 27.47 -28.10
C ASN A 18 9.62 26.55 -27.46
N TRP A 19 9.70 26.57 -26.13
CA TRP A 19 10.56 25.65 -25.40
C TRP A 19 9.96 24.24 -25.40
N GLY A 20 8.65 24.16 -25.58
CA GLY A 20 7.98 22.88 -25.59
C GLY A 20 7.84 22.26 -24.22
N ILE A 21 7.88 23.08 -23.17
CA ILE A 21 7.71 22.56 -21.81
C ILE A 21 6.44 23.08 -21.12
N VAL A 22 5.65 23.87 -21.86
CA VAL A 22 4.40 24.44 -21.37
C VAL A 22 3.17 23.67 -21.89
N ASP A 23 2.36 23.17 -20.97
CA ASP A 23 1.22 22.33 -21.31
C ASP A 23 -0.08 23.12 -21.32
N GLY A 24 -0.04 24.39 -20.93
CA GLY A 24 -1.26 25.18 -20.84
C GLY A 24 -0.99 26.49 -20.14
N VAL A 25 -2.01 27.34 -20.02
CA VAL A 25 -1.84 28.65 -19.40
C VAL A 25 -2.97 28.98 -18.41
N THR A 26 -2.64 29.63 -17.31
CA THR A 26 -3.67 30.24 -16.48
C THR A 26 -3.51 31.75 -16.45
N THR A 27 -4.65 32.44 -16.53
CA THR A 27 -4.70 33.87 -16.32
C THR A 27 -5.67 34.22 -15.18
N ASN A 28 -5.70 35.49 -14.83
CA ASN A 28 -6.68 35.97 -13.88
C ASN A 28 -6.84 37.46 -14.14
N PRO A 29 -7.81 38.11 -13.47
CA PRO A 29 -8.07 39.52 -13.82
C PRO A 29 -6.90 40.45 -13.54
N THR A 30 -6.07 40.12 -12.56
CA THR A 30 -4.90 40.94 -12.26
C THR A 30 -3.83 40.81 -13.35
N LEU A 31 -3.56 39.56 -13.75
CA LEU A 31 -2.57 39.30 -14.78
C LEU A 31 -2.98 39.94 -16.11
N ILE A 32 -4.25 39.86 -16.44
CA ILE A 32 -4.71 40.42 -17.70
C ILE A 32 -4.64 41.94 -17.68
N SER A 33 -5.10 42.54 -16.58
CA SER A 33 -5.14 43.99 -16.48
C SER A 33 -3.72 44.59 -16.49
N LYS A 34 -2.76 43.81 -16.03
CA LYS A 34 -1.34 44.17 -16.09
C LYS A 34 -0.86 44.34 -17.54
N GLU A 35 -1.28 43.43 -18.40
CA GLU A 35 -0.86 43.45 -19.81
C GLU A 35 -1.70 44.37 -20.70
N ALA A 36 -2.93 44.67 -20.29
CA ALA A 36 -3.83 45.48 -21.10
C ALA A 36 -3.58 46.98 -20.94
N VAL A 37 -2.39 47.41 -21.34
CA VAL A 37 -1.97 48.80 -21.16
C VAL A 37 -1.33 49.34 -22.45
N ASN A 38 -1.26 50.66 -22.56
CA ASN A 38 -0.67 51.30 -23.74
C ASN A 38 -1.32 50.84 -25.04
N GLY A 39 -2.65 50.83 -25.07
CA GLY A 39 -3.38 50.49 -26.27
C GLY A 39 -3.83 49.05 -26.35
N LYS A 40 -3.29 48.18 -25.51
CA LYS A 40 -3.65 46.76 -25.51
C LYS A 40 -5.03 46.52 -24.89
N LYS A 41 -5.88 45.79 -25.61
CA LYS A 41 -7.23 45.49 -25.14
C LYS A 41 -7.33 44.06 -24.62
N TYR A 42 -8.09 43.87 -23.55
CA TYR A 42 -8.10 42.58 -22.88
C TYR A 42 -8.70 41.46 -23.74
N GLY A 43 -9.65 41.82 -24.60
CA GLY A 43 -10.22 40.87 -25.54
C GLY A 43 -9.16 40.32 -26.50
N ASP A 44 -8.31 41.21 -27.00
CA ASP A 44 -7.24 40.82 -27.93
C ASP A 44 -6.22 39.91 -27.24
N ILE A 45 -5.83 40.26 -26.03
CA ILE A 45 -4.86 39.48 -25.29
C ILE A 45 -5.38 38.05 -25.07
N ILE A 46 -6.61 37.95 -24.57
CA ILE A 46 -7.25 36.66 -24.36
C ILE A 46 -7.30 35.82 -25.65
N ARG A 47 -7.74 36.44 -26.74
CA ARG A 47 -7.81 35.70 -28.00
C ARG A 47 -6.43 35.25 -28.47
N GLU A 48 -5.42 36.09 -28.24
CA GLU A 48 -4.08 35.76 -28.72
C GLU A 48 -3.52 34.57 -27.97
N ILE A 49 -3.76 34.54 -26.67
CA ILE A 49 -3.30 33.40 -25.86
C ILE A 49 -3.98 32.11 -26.32
N LEU A 50 -5.30 32.16 -26.51
CA LEU A 50 -6.04 30.96 -26.92
C LEU A 50 -5.51 30.39 -28.22
N LYS A 51 -5.09 31.24 -29.13
CA LYS A 51 -4.55 30.83 -30.43
C LYS A 51 -3.16 30.21 -30.35
N ILE A 52 -2.31 30.78 -29.49
CA ILE A 52 -0.92 30.37 -29.38
C ILE A 52 -0.77 29.09 -28.58
N VAL A 53 -1.68 28.86 -27.63
CA VAL A 53 -1.55 27.72 -26.72
C VAL A 53 -2.42 26.54 -27.16
N ASP A 54 -1.80 25.40 -27.46
CA ASP A 54 -2.57 24.20 -27.79
C ASP A 54 -3.40 23.73 -26.59
N GLY A 55 -2.81 23.77 -25.40
CA GLY A 55 -3.42 23.20 -24.23
C GLY A 55 -4.47 24.08 -23.56
N PRO A 56 -4.93 23.67 -22.37
CA PRO A 56 -5.94 24.44 -21.65
C PRO A 56 -5.49 25.87 -21.35
N VAL A 57 -6.41 26.81 -21.48
CA VAL A 57 -6.17 28.20 -21.12
C VAL A 57 -7.30 28.66 -20.21
N SER A 58 -6.96 28.97 -18.96
N SER A 58 -6.96 28.99 -18.97
CA SER A 58 -7.94 29.39 -17.97
CA SER A 58 -7.96 29.36 -17.98
C SER A 58 -8.16 30.90 -18.00
C SER A 58 -8.17 30.88 -17.92
N VAL A 59 -9.43 31.29 -18.13
CA VAL A 59 -9.80 32.70 -18.15
C VAL A 59 -10.92 32.92 -17.14
N GLU A 60 -10.77 33.93 -16.28
CA GLU A 60 -11.65 34.12 -15.14
C GLU A 60 -12.83 35.05 -15.41
N VAL A 61 -14.01 34.62 -14.99
CA VAL A 61 -15.18 35.49 -15.07
C VAL A 61 -14.97 36.64 -14.10
N VAL A 62 -15.64 37.76 -14.34
CA VAL A 62 -15.54 38.91 -13.44
C VAL A 62 -16.83 39.16 -12.66
N SER A 63 -17.96 38.70 -13.17
CA SER A 63 -19.23 38.82 -12.42
C SER A 63 -19.15 38.11 -11.07
N THR A 64 -19.86 38.64 -10.08
CA THR A 64 -19.93 38.00 -8.76
C THR A 64 -21.23 37.22 -8.54
N LYS A 65 -22.17 37.35 -9.47
CA LYS A 65 -23.48 36.73 -9.34
C LYS A 65 -23.63 35.56 -10.30
N TYR A 66 -24.39 34.54 -9.88
CA TYR A 66 -24.63 33.37 -10.69
C TYR A 66 -24.94 33.63 -12.18
N GLU A 67 -25.98 34.42 -12.42
N GLU A 67 -25.97 34.41 -12.43
CA GLU A 67 -26.42 34.62 -13.80
CA GLU A 67 -26.43 34.64 -13.80
C GLU A 67 -25.33 35.26 -14.66
C GLU A 67 -25.31 35.24 -14.65
N GLY A 68 -24.63 36.24 -14.10
CA GLY A 68 -23.54 36.92 -14.80
C GLY A 68 -22.36 35.98 -15.05
N MET A 69 -22.07 35.13 -14.08
CA MET A 69 -20.94 34.19 -14.19
C MET A 69 -21.20 33.21 -15.32
N VAL A 70 -22.42 32.68 -15.36
CA VAL A 70 -22.78 31.69 -16.37
C VAL A 70 -22.80 32.32 -17.76
N GLU A 71 -23.30 33.55 -17.86
CA GLU A 71 -23.28 34.27 -19.13
C GLU A 71 -21.86 34.53 -19.64
N GLU A 72 -20.98 35.01 -18.75
CA GLU A 72 -19.59 35.24 -19.13
C GLU A 72 -18.88 33.93 -19.45
N ALA A 73 -19.17 32.88 -18.66
CA ALA A 73 -18.56 31.56 -18.89
C ALA A 73 -18.88 31.06 -20.29
N ARG A 74 -20.12 31.26 -20.73
CA ARG A 74 -20.50 30.80 -22.06
C ARG A 74 -19.77 31.55 -23.17
N LYS A 75 -19.53 32.84 -22.96
CA LYS A 75 -18.79 33.63 -23.94
C LYS A 75 -17.31 33.20 -23.99
N ILE A 76 -16.72 32.98 -22.83
CA ILE A 76 -15.35 32.48 -22.74
C ILE A 76 -15.25 31.14 -23.48
N HIS A 77 -16.18 30.24 -23.20
CA HIS A 77 -16.17 28.94 -23.88
C HIS A 77 -16.26 29.11 -25.39
N GLY A 78 -17.03 30.11 -25.84
CA GLY A 78 -17.25 30.30 -27.26
C GLY A 78 -16.00 30.73 -28.00
N LEU A 79 -14.99 31.17 -27.26
CA LEU A 79 -13.78 31.71 -27.90
C LEU A 79 -12.85 30.63 -28.41
N GLY A 80 -13.02 29.40 -27.90
CA GLY A 80 -12.15 28.30 -28.31
C GLY A 80 -12.34 27.05 -27.47
N ASP A 81 -12.14 25.89 -28.10
CA ASP A 81 -12.35 24.63 -27.39
C ASP A 81 -11.35 24.43 -26.23
N ASN A 82 -10.20 25.09 -26.29
CA ASN A 82 -9.21 24.95 -25.20
C ASN A 82 -9.48 25.87 -24.01
N ALA A 83 -10.49 26.73 -24.13
CA ALA A 83 -10.82 27.65 -23.04
C ALA A 83 -11.39 26.92 -21.83
N VAL A 84 -10.87 27.26 -20.65
CA VAL A 84 -11.38 26.74 -19.38
C VAL A 84 -11.84 27.94 -18.55
N VAL A 85 -13.04 27.86 -17.99
CA VAL A 85 -13.59 29.02 -17.28
C VAL A 85 -13.21 29.00 -15.80
N LYS A 86 -12.51 30.04 -15.37
CA LYS A 86 -12.05 30.14 -13.99
C LYS A 86 -13.14 30.85 -13.17
N ILE A 87 -13.56 30.22 -12.07
CA ILE A 87 -14.70 30.63 -11.28
C ILE A 87 -14.28 30.62 -9.81
N PRO A 88 -14.61 31.68 -9.05
CA PRO A 88 -14.10 31.70 -7.67
C PRO A 88 -14.90 30.81 -6.73
N MET A 89 -14.25 30.42 -5.62
CA MET A 89 -14.88 29.63 -4.56
C MET A 89 -15.85 30.49 -3.75
N THR A 90 -17.07 30.67 -4.29
CA THR A 90 -18.16 31.36 -3.59
C THR A 90 -19.46 30.59 -3.81
N GLU A 91 -20.51 30.95 -3.08
CA GLU A 91 -21.79 30.28 -3.20
C GLU A 91 -22.29 30.36 -4.65
N ASP A 92 -22.25 31.57 -5.21
CA ASP A 92 -22.63 31.76 -6.61
C ASP A 92 -21.74 30.97 -7.55
N GLY A 93 -20.43 30.92 -7.26
CA GLY A 93 -19.50 30.19 -8.10
C GLY A 93 -19.72 28.69 -8.12
N LEU A 94 -20.00 28.10 -6.97
CA LEU A 94 -20.32 26.67 -6.93
C LEU A 94 -21.56 26.38 -7.76
N ARG A 95 -22.58 27.22 -7.63
CA ARG A 95 -23.79 27.07 -8.44
C ARG A 95 -23.48 27.18 -9.93
N ALA A 96 -22.64 28.15 -10.29
CA ALA A 96 -22.26 28.30 -11.69
C ALA A 96 -21.50 27.07 -12.19
N ILE A 97 -20.57 26.56 -11.37
CA ILE A 97 -19.83 25.38 -11.76
C ILE A 97 -20.75 24.20 -12.05
N LYS A 98 -21.73 23.99 -11.18
CA LYS A 98 -22.65 22.86 -11.33
C LYS A 98 -23.41 22.98 -12.64
N THR A 99 -23.87 24.19 -12.96
CA THR A 99 -24.60 24.41 -14.21
C THR A 99 -23.67 24.18 -15.40
N LEU A 100 -22.46 24.72 -15.33
CA LEU A 100 -21.54 24.66 -16.48
C LEU A 100 -21.05 23.25 -16.73
N SER A 101 -20.84 22.49 -15.66
CA SER A 101 -20.44 21.11 -15.78
C SER A 101 -21.52 20.33 -16.54
N SER A 102 -22.77 20.57 -16.20
CA SER A 102 -23.89 19.90 -16.86
C SER A 102 -23.99 20.28 -18.32
N GLU A 103 -23.45 21.45 -18.67
CA GLU A 103 -23.39 21.92 -20.05
C GLU A 103 -22.08 21.51 -20.74
N HIS A 104 -21.26 20.74 -20.04
CA HIS A 104 -19.99 20.23 -20.59
C HIS A 104 -19.00 21.33 -20.94
N ILE A 105 -18.97 22.34 -20.07
CA ILE A 105 -18.04 23.43 -20.21
C ILE A 105 -17.01 23.22 -19.10
N ASN A 106 -15.73 23.14 -19.47
CA ASN A 106 -14.66 22.87 -18.50
C ASN A 106 -14.47 24.06 -17.57
N THR A 107 -14.24 23.77 -16.29
CA THR A 107 -14.16 24.79 -15.26
C THR A 107 -12.91 24.65 -14.37
N ASN A 108 -12.50 25.76 -13.79
CA ASN A 108 -11.36 25.80 -12.85
C ASN A 108 -11.76 26.65 -11.65
N CYS A 109 -11.87 26.04 -10.47
CA CYS A 109 -12.28 26.79 -9.29
C CYS A 109 -11.08 27.39 -8.60
N THR A 110 -11.12 28.71 -8.41
CA THR A 110 -9.94 29.44 -7.94
C THR A 110 -10.16 30.08 -6.56
N LEU A 111 -9.10 30.69 -6.00
CA LEU A 111 -9.21 31.29 -4.67
C LEU A 111 -9.61 30.27 -3.61
N VAL A 112 -8.97 29.10 -3.68
CA VAL A 112 -9.15 28.02 -2.72
C VAL A 112 -7.99 28.03 -1.75
N PHE A 113 -8.29 28.06 -0.45
CA PHE A 113 -7.23 28.16 0.59
C PHE A 113 -7.22 27.07 1.66
N ASN A 114 -8.13 26.10 1.56
CA ASN A 114 -8.08 24.97 2.51
C ASN A 114 -8.64 23.73 1.81
N PRO A 115 -8.50 22.56 2.41
CA PRO A 115 -8.90 21.34 1.69
C PRO A 115 -10.41 21.18 1.55
N ILE A 116 -11.17 21.74 2.50
CA ILE A 116 -12.63 21.54 2.42
C ILE A 116 -13.24 22.40 1.31
N GLN A 117 -12.74 23.62 1.12
CA GLN A 117 -13.13 24.40 -0.04
C GLN A 117 -12.86 23.60 -1.31
N ALA A 118 -11.70 22.95 -1.37
CA ALA A 118 -11.37 22.17 -2.56
C ALA A 118 -12.35 21.03 -2.76
N LEU A 119 -12.72 20.36 -1.67
CA LEU A 119 -13.68 19.26 -1.74
C LEU A 119 -15.04 19.75 -2.22
N LEU A 120 -15.49 20.89 -1.72
CA LEU A 120 -16.76 21.48 -2.21
C LEU A 120 -16.73 21.78 -3.72
N ALA A 121 -15.62 22.33 -4.20
CA ALA A 121 -15.47 22.56 -5.65
C ALA A 121 -15.53 21.24 -6.43
N ALA A 122 -14.85 20.22 -5.94
CA ALA A 122 -14.94 18.89 -6.56
C ALA A 122 -16.37 18.38 -6.63
N LYS A 123 -17.12 18.56 -5.53
CA LYS A 123 -18.49 18.06 -5.45
C LYS A 123 -19.43 18.79 -6.40
N ALA A 124 -19.04 20.00 -6.79
CA ALA A 124 -19.85 20.75 -7.75
C ALA A 124 -19.56 20.29 -9.19
N GLY A 125 -18.51 19.50 -9.36
CA GLY A 125 -18.16 18.95 -10.67
C GLY A 125 -17.05 19.67 -11.40
N VAL A 126 -16.29 20.49 -10.69
CA VAL A 126 -15.29 21.32 -11.33
C VAL A 126 -14.18 20.48 -12.00
N THR A 127 -13.70 20.96 -13.15
CA THR A 127 -12.65 20.22 -13.87
C THR A 127 -11.30 20.31 -13.17
N TYR A 128 -10.94 21.50 -12.72
CA TYR A 128 -9.69 21.72 -11.97
C TYR A 128 -10.01 22.51 -10.72
N VAL A 129 -9.28 22.23 -9.63
CA VAL A 129 -9.33 23.10 -8.46
C VAL A 129 -7.95 23.69 -8.22
N SER A 130 -7.91 24.99 -7.92
CA SER A 130 -6.63 25.69 -7.73
C SER A 130 -6.44 26.27 -6.33
N PRO A 131 -5.89 25.46 -5.41
CA PRO A 131 -5.46 26.01 -4.11
C PRO A 131 -4.23 26.90 -4.32
N PHE A 132 -4.13 27.94 -3.50
CA PHE A 132 -3.08 28.94 -3.61
C PHE A 132 -2.05 28.64 -2.53
N VAL A 133 -0.81 28.32 -2.91
N VAL A 133 -0.83 28.27 -2.93
CA VAL A 133 0.16 27.97 -1.88
CA VAL A 133 0.24 27.97 -1.96
C VAL A 133 1.04 29.17 -1.44
C VAL A 133 0.86 29.27 -1.46
N GLY A 134 1.39 30.06 -2.37
CA GLY A 134 2.16 31.25 -2.00
C GLY A 134 1.44 32.24 -1.09
N ARG A 135 0.14 32.44 -1.32
CA ARG A 135 -0.61 33.36 -0.47
C ARG A 135 -0.81 32.79 0.93
N LEU A 136 -0.79 31.47 1.06
CA LEU A 136 -0.80 30.87 2.40
C LEU A 136 0.58 31.09 3.06
N ASP A 137 1.65 30.84 2.32
CA ASP A 137 3.03 31.09 2.81
C ASP A 137 3.09 32.54 3.31
N ASP A 138 2.48 33.46 2.56
CA ASP A 138 2.52 34.89 2.89
C ASP A 138 1.98 35.14 4.29
N ILE A 139 1.01 34.35 4.69
CA ILE A 139 0.37 34.58 6.01
C ILE A 139 0.86 33.58 7.06
N GLY A 140 2.00 32.94 6.78
CA GLY A 140 2.71 32.18 7.80
C GLY A 140 2.27 30.75 7.99
N GLU A 141 1.56 30.22 6.99
CA GLU A 141 1.14 28.84 6.96
C GLU A 141 1.81 28.18 5.75
N ASP A 142 2.42 27.00 5.94
CA ASP A 142 3.05 26.29 4.81
C ASP A 142 1.98 25.80 3.84
N GLY A 143 1.82 26.51 2.73
CA GLY A 143 0.75 26.18 1.80
C GLY A 143 0.78 24.79 1.21
N MET A 144 1.97 24.19 1.10
CA MET A 144 2.07 22.87 0.51
C MET A 144 1.33 21.84 1.34
N GLN A 145 1.16 22.08 2.63
N GLN A 145 1.14 22.12 2.63
CA GLN A 145 0.43 21.14 3.48
CA GLN A 145 0.39 21.21 3.51
C GLN A 145 -1.02 20.99 3.02
C GLN A 145 -1.05 21.01 3.01
N ILE A 146 -1.58 22.07 2.47
N ILE A 146 -1.67 22.06 2.48
CA ILE A 146 -2.96 22.01 2.01
CA ILE A 146 -3.06 21.88 2.01
C ILE A 146 -3.05 21.10 0.76
C ILE A 146 -3.08 21.07 0.71
N ILE A 147 -2.04 21.19 -0.12
CA ILE A 147 -2.00 20.37 -1.33
C ILE A 147 -1.94 18.89 -0.92
N ASP A 148 -1.13 18.60 0.09
CA ASP A 148 -0.99 17.22 0.53
C ASP A 148 -2.33 16.67 1.04
N MET A 149 -3.03 17.47 1.85
CA MET A 149 -4.35 17.03 2.32
C MET A 149 -5.34 16.85 1.20
N ILE A 150 -5.34 17.79 0.26
CA ILE A 150 -6.27 17.67 -0.88
C ILE A 150 -5.98 16.38 -1.66
N ARG A 151 -4.71 16.04 -1.86
CA ARG A 151 -4.37 14.84 -2.61
C ARG A 151 -4.90 13.59 -1.89
N THR A 152 -4.74 13.55 -0.57
CA THR A 152 -5.27 12.42 0.22
C THR A 152 -6.78 12.34 0.14
N ILE A 153 -7.46 13.46 0.34
CA ILE A 153 -8.92 13.50 0.23
C ILE A 153 -9.40 13.01 -1.13
N PHE A 154 -8.80 13.54 -2.18
CA PHE A 154 -9.25 13.16 -3.52
C PHE A 154 -8.95 11.67 -3.78
N ASN A 155 -7.84 11.17 -3.27
CA ASN A 155 -7.53 9.74 -3.40
C ASN A 155 -8.57 8.90 -2.68
N ASN A 156 -8.96 9.34 -1.48
CA ASN A 156 -9.96 8.61 -0.68
C ASN A 156 -11.27 8.38 -1.42
N TYR A 157 -11.71 9.40 -2.15
CA TYR A 157 -13.04 9.36 -2.76
C TYR A 157 -13.00 9.17 -4.27
N ILE A 158 -11.83 8.78 -4.78
CA ILE A 158 -11.62 8.60 -6.22
C ILE A 158 -12.15 9.79 -7.00
N ILE A 159 -11.78 10.98 -6.56
CA ILE A 159 -12.27 12.21 -7.16
C ILE A 159 -11.54 12.50 -8.46
N LYS A 160 -12.31 12.87 -9.50
CA LYS A 160 -11.73 13.08 -10.82
C LYS A 160 -11.28 14.51 -11.11
N THR A 161 -11.77 15.47 -10.32
CA THR A 161 -11.25 16.83 -10.34
C THR A 161 -9.72 16.83 -10.22
N GLN A 162 -9.05 17.56 -11.11
CA GLN A 162 -7.59 17.65 -11.09
C GLN A 162 -7.13 18.74 -10.14
N ILE A 163 -6.04 18.49 -9.43
CA ILE A 163 -5.46 19.49 -8.54
C ILE A 163 -4.49 20.34 -9.34
N LEU A 164 -4.78 21.63 -9.43
CA LEU A 164 -4.01 22.57 -10.27
C LEU A 164 -3.39 23.56 -9.28
N VAL A 165 -2.17 23.26 -8.81
CA VAL A 165 -1.52 24.09 -7.78
C VAL A 165 -1.20 25.47 -8.31
N ALA A 166 -1.64 26.52 -7.59
CA ALA A 166 -1.46 27.88 -8.08
C ALA A 166 -0.77 28.71 -7.01
N SER A 167 -0.56 30.00 -7.31
CA SER A 167 0.22 30.87 -6.44
C SER A 167 1.57 30.21 -6.13
N ILE A 168 2.21 29.73 -7.19
CA ILE A 168 3.53 29.14 -7.07
C ILE A 168 4.60 30.23 -7.10
N ARG A 169 5.58 30.11 -6.19
CA ARG A 169 6.56 31.17 -6.02
C ARG A 169 7.99 30.72 -6.21
N ASN A 170 8.24 29.41 -6.14
CA ASN A 170 9.61 28.93 -6.25
C ASN A 170 9.65 27.47 -6.74
N PRO A 171 10.85 26.96 -7.07
CA PRO A 171 10.92 25.59 -7.60
C PRO A 171 10.67 24.47 -6.61
N ILE A 172 10.64 24.80 -5.32
CA ILE A 172 10.40 23.80 -4.31
C ILE A 172 8.88 23.59 -4.16
N HIS A 173 8.09 24.63 -4.38
CA HIS A 173 6.62 24.38 -4.53
C HIS A 173 6.42 23.35 -5.65
N VAL A 174 7.17 23.51 -6.74
CA VAL A 174 7.05 22.58 -7.88
C VAL A 174 7.51 21.17 -7.50
N LEU A 175 8.67 21.08 -6.84
CA LEU A 175 9.19 19.76 -6.47
C LEU A 175 8.22 19.06 -5.51
N ARG A 176 7.75 19.78 -4.50
CA ARG A 176 6.87 19.20 -3.49
C ARG A 176 5.53 18.82 -4.12
N SER A 177 5.04 19.62 -5.06
CA SER A 177 3.81 19.25 -5.77
C SER A 177 3.97 17.91 -6.51
N ALA A 178 5.11 17.70 -7.14
CA ALA A 178 5.34 16.45 -7.89
C ALA A 178 5.47 15.25 -6.96
N VAL A 179 6.12 15.44 -5.81
CA VAL A 179 6.27 14.34 -4.85
C VAL A 179 4.92 13.97 -4.23
N ILE A 180 4.12 14.99 -3.94
CA ILE A 180 2.75 14.74 -3.47
C ILE A 180 1.90 14.04 -4.52
N GLY A 181 2.07 14.45 -5.78
CA GLY A 181 1.31 13.90 -6.89
C GLY A 181 0.18 14.78 -7.39
N ALA A 182 0.34 16.09 -7.25
CA ALA A 182 -0.62 17.02 -7.86
C ALA A 182 -0.71 16.81 -9.38
N ASP A 183 -1.89 17.02 -9.94
CA ASP A 183 -2.06 16.79 -11.37
C ASP A 183 -1.37 17.84 -12.24
N VAL A 184 -1.38 19.10 -11.80
CA VAL A 184 -0.89 20.21 -12.60
C VAL A 184 -0.29 21.22 -11.64
N VAL A 185 0.75 21.92 -12.08
CA VAL A 185 1.21 23.14 -11.40
C VAL A 185 1.13 24.25 -12.42
N THR A 186 0.77 25.45 -12.00
CA THR A 186 0.88 26.59 -12.92
C THR A 186 1.90 27.55 -12.31
N VAL A 187 2.86 27.98 -13.13
CA VAL A 187 4.04 28.66 -12.61
C VAL A 187 4.30 29.97 -13.32
N PRO A 188 4.75 30.99 -12.58
CA PRO A 188 5.16 32.24 -13.25
C PRO A 188 6.41 31.98 -14.10
N PHE A 189 6.66 32.90 -15.04
CA PHE A 189 7.70 32.64 -16.03
C PHE A 189 9.10 32.52 -15.41
N ASN A 190 9.39 33.35 -14.42
N ASN A 190 9.39 33.34 -14.41
CA ASN A 190 10.68 33.29 -13.76
CA ASN A 190 10.70 33.31 -13.77
C ASN A 190 10.91 31.87 -13.22
C ASN A 190 10.96 32.02 -12.98
N VAL A 191 9.90 31.35 -12.55
CA VAL A 191 10.02 30.00 -11.98
C VAL A 191 10.21 28.95 -13.08
N LEU A 192 9.39 29.03 -14.13
CA LEU A 192 9.47 28.10 -15.24
C LEU A 192 10.91 28.03 -15.77
N LYS A 193 11.50 29.21 -15.96
CA LYS A 193 12.86 29.32 -16.49
C LYS A 193 13.88 28.55 -15.61
N SER A 194 13.68 28.61 -14.29
N SER A 194 13.69 28.59 -14.30
CA SER A 194 14.59 28.01 -13.33
CA SER A 194 14.67 28.01 -13.39
C SER A 194 14.63 26.50 -13.44
C SER A 194 14.60 26.49 -13.35
N LEU A 195 13.49 25.92 -13.81
CA LEU A 195 13.30 24.48 -13.66
C LEU A 195 14.30 23.59 -14.41
N MET A 196 14.76 24.06 -15.58
CA MET A 196 15.67 23.25 -16.38
C MET A 196 17.13 23.37 -15.91
N LYS A 197 17.43 24.34 -15.03
CA LYS A 197 18.82 24.74 -14.74
C LYS A 197 19.44 24.08 -13.49
N HIS A 198 20.74 23.78 -13.57
CA HIS A 198 21.49 23.37 -12.38
C HIS A 198 22.97 23.64 -12.64
N PRO A 199 23.70 24.15 -11.63
CA PRO A 199 25.12 24.49 -11.89
C PRO A 199 25.96 23.28 -12.28
N LYS A 200 25.64 22.11 -11.78
CA LYS A 200 26.42 20.93 -12.17
C LYS A 200 26.14 20.48 -13.62
N THR A 201 24.96 20.80 -14.14
CA THR A 201 24.71 20.57 -15.56
C THR A 201 25.68 21.40 -16.40
N ASP A 202 25.73 22.70 -16.10
CA ASP A 202 26.60 23.65 -16.82
C ASP A 202 28.05 23.18 -16.67
N GLU A 203 28.46 22.85 -15.46
CA GLU A 203 29.85 22.49 -15.20
C GLU A 203 30.21 21.22 -15.95
N GLY A 204 29.27 20.27 -15.97
CA GLY A 204 29.52 19.01 -16.64
C GLY A 204 29.63 19.17 -18.14
N LEU A 205 28.80 20.04 -18.70
CA LEU A 205 28.87 20.29 -20.14
C LEU A 205 30.22 20.91 -20.48
N ALA A 206 30.65 21.87 -19.68
CA ALA A 206 31.92 22.53 -19.97
C ALA A 206 33.09 21.53 -19.96
N LYS A 207 33.05 20.57 -19.04
CA LYS A 207 34.12 19.59 -18.92
C LYS A 207 34.10 18.64 -20.11
N PHE A 208 32.92 18.16 -20.48
CA PHE A 208 32.80 17.31 -21.67
C PHE A 208 33.35 18.01 -22.91
N LEU A 209 33.08 19.31 -23.02
CA LEU A 209 33.54 20.06 -24.18
C LEU A 209 35.05 20.06 -24.22
N GLU A 210 35.65 20.36 -23.07
CA GLU A 210 37.11 20.42 -22.95
C GLU A 210 37.78 19.08 -23.23
N ASP A 211 37.19 18.00 -22.71
CA ASP A 211 37.80 16.69 -22.89
C ASP A 211 37.71 16.22 -24.32
N TRP A 212 36.60 16.54 -24.98
CA TRP A 212 36.39 16.13 -26.36
C TRP A 212 37.36 16.83 -27.31
N LYS A 213 37.68 18.10 -27.00
CA LYS A 213 38.63 18.85 -27.82
C LYS A 213 39.98 18.13 -27.90
N LYS A 214 40.28 17.32 -26.88
CA LYS A 214 41.55 16.59 -26.87
C LYS A 214 41.65 15.64 -28.05
N VAL A 215 40.53 15.03 -28.43
CA VAL A 215 40.53 14.04 -29.51
C VAL A 215 39.93 14.57 -30.81
N SER A 216 39.22 15.68 -30.72
CA SER A 216 38.65 16.30 -31.91
C SER A 216 38.82 17.82 -31.84
N PRO A 217 39.91 18.33 -32.42
CA PRO A 217 40.22 19.76 -32.38
C PRO A 217 39.02 20.67 -32.67
N ASP A 218 38.25 20.35 -33.72
N ASP A 218 38.23 20.35 -33.70
CA ASP A 218 37.12 21.19 -34.12
CA ASP A 218 37.12 21.19 -34.12
C ASP A 218 35.84 20.93 -33.32
C ASP A 218 35.87 20.99 -33.25
N GLY A 219 35.92 20.01 -32.36
CA GLY A 219 34.80 19.72 -31.48
C GLY A 219 33.68 18.91 -32.09
N LYS A 220 33.91 18.40 -33.31
CA LYS A 220 32.89 17.64 -34.03
C LYS A 220 32.81 16.18 -33.58
N LEU A 221 31.65 15.56 -33.78
CA LEU A 221 31.50 14.11 -33.69
C LEU A 221 31.23 13.56 -35.08
N ILE A 222 32.22 12.88 -35.67
CA ILE A 222 32.09 12.37 -37.04
C ILE A 222 31.93 10.84 -37.01
N LEU A 223 30.74 10.37 -37.36
CA LEU A 223 30.45 8.93 -37.36
C LEU A 223 29.91 8.49 -38.72
N MET B 1 -17.05 12.50 -0.28
CA MET B 1 -17.71 12.58 1.01
C MET B 1 -19.03 13.33 0.84
N LYS B 2 -20.15 12.69 1.20
CA LYS B 2 -21.42 13.40 1.26
C LYS B 2 -21.49 14.33 2.47
N ILE B 3 -22.21 15.44 2.31
CA ILE B 3 -22.38 16.40 3.40
C ILE B 3 -23.87 16.56 3.66
N PHE B 4 -24.32 16.10 4.82
CA PHE B 4 -25.73 16.22 5.22
C PHE B 4 -25.89 17.40 6.20
N LEU B 5 -27.09 17.96 6.27
CA LEU B 5 -27.42 19.02 7.24
C LEU B 5 -28.12 18.40 8.45
N ASP B 6 -27.63 18.73 9.66
CA ASP B 6 -28.10 18.11 10.89
C ASP B 6 -29.00 19.08 11.65
N THR B 7 -30.28 19.11 11.25
CA THR B 7 -31.24 20.03 11.82
C THR B 7 -32.64 19.58 11.42
N ALA B 8 -33.65 20.11 12.10
CA ALA B 8 -35.04 19.95 11.68
C ALA B 8 -35.64 21.33 11.39
N ASN B 9 -34.79 22.34 11.41
CA ASN B 9 -35.22 23.70 11.09
C ASN B 9 -35.44 23.85 9.58
N ILE B 10 -36.69 23.99 9.18
CA ILE B 10 -37.03 23.99 7.75
C ILE B 10 -36.40 25.17 7.01
N ASP B 11 -36.26 26.32 7.66
CA ASP B 11 -35.60 27.48 7.04
C ASP B 11 -34.13 27.20 6.73
N GLU B 12 -33.42 26.63 7.70
CA GLU B 12 -32.03 26.23 7.48
C GLU B 12 -31.91 25.25 6.32
N ILE B 13 -32.82 24.29 6.28
CA ILE B 13 -32.78 23.25 5.25
C ILE B 13 -33.05 23.83 3.85
N ARG B 14 -34.05 24.69 3.73
CA ARG B 14 -34.31 25.31 2.43
C ARG B 14 -33.09 26.11 1.96
N THR B 15 -32.50 26.86 2.88
CA THR B 15 -31.34 27.68 2.56
C THR B 15 -30.15 26.83 2.10
N GLY B 16 -29.86 25.79 2.87
CA GLY B 16 -28.75 24.89 2.55
C GLY B 16 -28.93 24.20 1.22
N VAL B 17 -30.15 23.76 0.97
CA VAL B 17 -30.47 23.08 -0.27
C VAL B 17 -30.28 24.02 -1.47
N ASN B 18 -30.74 25.26 -1.34
CA ASN B 18 -30.58 26.26 -2.38
C ASN B 18 -29.12 26.61 -2.67
N TRP B 19 -28.26 26.47 -1.66
CA TRP B 19 -26.82 26.65 -1.85
C TRP B 19 -26.26 25.55 -2.76
N GLY B 20 -26.93 24.41 -2.80
CA GLY B 20 -26.51 23.29 -3.62
C GLY B 20 -25.46 22.39 -2.98
N ILE B 21 -25.15 22.62 -1.72
CA ILE B 21 -24.12 21.84 -1.04
C ILE B 21 -24.62 20.87 0.02
N VAL B 22 -25.92 20.55 -0.03
CA VAL B 22 -26.51 19.67 0.96
C VAL B 22 -27.02 18.42 0.29
N ASP B 23 -26.53 17.26 0.73
CA ASP B 23 -26.79 15.97 0.06
C ASP B 23 -27.86 15.14 0.76
N GLY B 24 -28.36 15.66 1.89
CA GLY B 24 -29.27 14.91 2.74
C GLY B 24 -29.40 15.61 4.08
N VAL B 25 -30.27 15.07 4.95
CA VAL B 25 -30.54 15.68 6.24
C VAL B 25 -30.59 14.61 7.30
N THR B 26 -30.08 14.91 8.49
CA THR B 26 -30.34 14.05 9.64
C THR B 26 -31.14 14.81 10.70
N THR B 27 -32.11 14.13 11.29
CA THR B 27 -32.83 14.66 12.44
C THR B 27 -32.74 13.68 13.62
N ASN B 28 -33.24 14.11 14.77
CA ASN B 28 -33.35 13.28 15.95
C ASN B 28 -34.45 13.84 16.85
N PRO B 29 -34.80 13.14 17.92
CA PRO B 29 -36.00 13.62 18.64
C PRO B 29 -35.82 15.02 19.26
N THR B 30 -34.60 15.37 19.67
CA THR B 30 -34.32 16.68 20.24
C THR B 30 -34.47 17.78 19.20
N LEU B 31 -33.87 17.57 18.02
CA LEU B 31 -33.98 18.53 16.92
C LEU B 31 -35.42 18.77 16.49
N ILE B 32 -36.19 17.70 16.35
CA ILE B 32 -37.57 17.84 15.91
C ILE B 32 -38.43 18.49 16.98
N SER B 33 -38.27 18.07 18.23
CA SER B 33 -39.11 18.62 19.28
C SER B 33 -38.77 20.09 19.50
N LYS B 34 -37.55 20.50 19.15
CA LYS B 34 -37.19 21.91 19.22
C LYS B 34 -38.02 22.75 18.24
N GLU B 35 -38.37 22.17 17.10
CA GLU B 35 -39.05 22.91 16.05
C GLU B 35 -40.56 22.84 16.17
N ALA B 36 -41.02 21.77 16.81
CA ALA B 36 -42.44 21.46 16.86
C ALA B 36 -43.06 22.11 18.08
N VAL B 37 -43.07 23.43 18.07
CA VAL B 37 -43.60 24.21 19.18
C VAL B 37 -44.56 25.28 18.67
N ASN B 38 -45.32 25.87 19.58
CA ASN B 38 -46.21 26.97 19.23
C ASN B 38 -47.09 26.64 18.04
N GLY B 39 -47.71 25.46 18.09
CA GLY B 39 -48.63 25.06 17.04
C GLY B 39 -48.10 24.01 16.08
N LYS B 40 -46.82 24.12 15.73
CA LYS B 40 -46.23 23.22 14.73
C LYS B 40 -46.24 21.76 15.19
N LYS B 41 -46.71 20.87 14.31
CA LYS B 41 -46.80 19.46 14.64
C LYS B 41 -45.59 18.70 14.09
N TYR B 42 -45.07 17.76 14.87
CA TYR B 42 -43.88 17.01 14.45
C TYR B 42 -44.14 16.20 13.18
N GLY B 43 -45.36 15.72 13.00
CA GLY B 43 -45.69 14.97 11.80
C GLY B 43 -45.57 15.83 10.55
N ASP B 44 -45.96 17.09 10.66
CA ASP B 44 -45.90 18.01 9.52
C ASP B 44 -44.47 18.39 9.16
N ILE B 45 -43.65 18.62 10.18
CA ILE B 45 -42.24 18.96 9.99
C ILE B 45 -41.51 17.85 9.24
N ILE B 46 -41.69 16.61 9.70
CA ILE B 46 -41.05 15.47 9.06
C ILE B 46 -41.46 15.37 7.58
N ARG B 47 -42.75 15.45 7.32
CA ARG B 47 -43.21 15.40 5.94
C ARG B 47 -42.66 16.54 5.09
N GLU B 48 -42.55 17.74 5.66
CA GLU B 48 -42.04 18.87 4.89
C GLU B 48 -40.58 18.64 4.51
N ILE B 49 -39.78 18.17 5.47
CA ILE B 49 -38.38 17.89 5.20
C ILE B 49 -38.22 16.84 4.10
N LEU B 50 -39.01 15.77 4.17
CA LEU B 50 -38.95 14.72 3.16
C LEU B 50 -39.27 15.27 1.76
N LYS B 51 -40.24 16.16 1.70
CA LYS B 51 -40.60 16.81 0.44
C LYS B 51 -39.48 17.71 -0.11
N ILE B 52 -38.88 18.53 0.75
CA ILE B 52 -37.87 19.51 0.36
C ILE B 52 -36.55 18.89 -0.11
N VAL B 53 -36.12 17.84 0.58
CA VAL B 53 -34.79 17.28 0.40
C VAL B 53 -34.84 16.07 -0.54
N ASP B 54 -34.06 16.14 -1.62
CA ASP B 54 -34.01 15.05 -2.59
C ASP B 54 -33.34 13.81 -2.02
N GLY B 55 -32.26 14.04 -1.28
CA GLY B 55 -31.41 12.98 -0.77
C GLY B 55 -31.96 12.33 0.49
N PRO B 56 -31.15 11.49 1.13
CA PRO B 56 -31.58 10.77 2.34
C PRO B 56 -31.99 11.69 3.48
N VAL B 57 -33.05 11.32 4.19
CA VAL B 57 -33.50 12.05 5.38
C VAL B 57 -33.67 11.05 6.53
N SER B 58 -32.84 11.18 7.55
N SER B 58 -32.86 11.18 7.56
CA SER B 58 -32.89 10.28 8.71
CA SER B 58 -32.88 10.23 8.67
C SER B 58 -33.89 10.75 9.75
C SER B 58 -33.78 10.69 9.82
N VAL B 59 -34.77 9.85 10.16
CA VAL B 59 -35.79 10.16 11.15
C VAL B 59 -35.77 9.07 12.21
N GLU B 60 -35.68 9.47 13.47
CA GLU B 60 -35.45 8.51 14.55
C GLU B 60 -36.73 7.97 15.17
N VAL B 61 -36.75 6.66 15.38
CA VAL B 61 -37.82 6.04 16.15
C VAL B 61 -37.72 6.48 17.61
N VAL B 62 -38.84 6.42 18.32
CA VAL B 62 -38.83 6.79 19.73
C VAL B 62 -39.08 5.61 20.66
N SER B 63 -39.72 4.57 20.14
CA SER B 63 -39.87 3.32 20.89
C SER B 63 -38.53 2.76 21.36
N THR B 64 -38.51 2.13 22.53
CA THR B 64 -37.29 1.51 23.01
C THR B 64 -37.34 0.00 22.85
N LYS B 65 -38.48 -0.53 22.42
CA LYS B 65 -38.66 -1.97 22.30
C LYS B 65 -38.74 -2.39 20.84
N TYR B 66 -38.19 -3.56 20.56
CA TYR B 66 -38.12 -4.12 19.22
C TYR B 66 -39.39 -3.91 18.39
N GLU B 67 -40.52 -4.43 18.87
CA GLU B 67 -41.75 -4.38 18.09
C GLU B 67 -42.19 -2.96 17.76
N GLY B 68 -42.12 -2.08 18.74
CA GLY B 68 -42.43 -0.67 18.53
C GLY B 68 -41.46 0.00 17.56
N MET B 69 -40.17 -0.32 17.64
CA MET B 69 -39.21 0.23 16.71
C MET B 69 -39.56 -0.14 15.28
N VAL B 70 -39.80 -1.42 15.04
CA VAL B 70 -40.12 -1.88 13.70
C VAL B 70 -41.42 -1.29 13.18
N GLU B 71 -42.42 -1.18 14.04
CA GLU B 71 -43.69 -0.59 13.63
C GLU B 71 -43.50 0.87 13.26
N GLU B 72 -42.74 1.61 14.06
CA GLU B 72 -42.46 3.01 13.75
C GLU B 72 -41.60 3.14 12.47
N ALA B 73 -40.63 2.24 12.32
CA ALA B 73 -39.76 2.25 11.15
C ALA B 73 -40.55 2.10 9.85
N ARG B 74 -41.53 1.21 9.86
CA ARG B 74 -42.32 0.99 8.67
C ARG B 74 -43.15 2.21 8.33
N LYS B 75 -43.69 2.88 9.34
CA LYS B 75 -44.44 4.11 9.11
C LYS B 75 -43.53 5.19 8.54
N ILE B 76 -42.32 5.30 9.10
CA ILE B 76 -41.36 6.29 8.60
C ILE B 76 -41.05 6.02 7.14
N HIS B 77 -40.79 4.75 6.84
CA HIS B 77 -40.47 4.32 5.48
C HIS B 77 -41.57 4.68 4.49
N GLY B 78 -42.82 4.54 4.92
CA GLY B 78 -43.96 4.80 4.06
C GLY B 78 -44.16 6.28 3.73
N LEU B 79 -43.45 7.16 4.44
CA LEU B 79 -43.65 8.59 4.22
C LEU B 79 -42.94 9.06 2.96
N GLY B 80 -41.95 8.30 2.53
CA GLY B 80 -41.20 8.61 1.33
C GLY B 80 -40.01 7.68 1.15
N ASP B 81 -39.62 7.47 -0.11
CA ASP B 81 -38.53 6.56 -0.44
C ASP B 81 -37.17 7.08 0.05
N ASN B 82 -37.07 8.38 0.28
CA ASN B 82 -35.80 8.94 0.77
C ASN B 82 -35.65 8.91 2.30
N ALA B 83 -36.68 8.43 2.98
CA ALA B 83 -36.60 8.31 4.43
C ALA B 83 -35.62 7.20 4.83
N VAL B 84 -34.82 7.49 5.85
CA VAL B 84 -33.91 6.51 6.44
C VAL B 84 -34.27 6.45 7.92
N VAL B 85 -34.36 5.25 8.46
CA VAL B 85 -34.86 5.11 9.83
C VAL B 85 -33.69 5.11 10.82
N LYS B 86 -33.67 6.08 11.72
CA LYS B 86 -32.61 6.17 12.73
C LYS B 86 -33.00 5.32 13.94
N ILE B 87 -32.09 4.43 14.33
CA ILE B 87 -32.30 3.41 15.36
C ILE B 87 -31.10 3.47 16.31
N PRO B 88 -31.34 3.51 17.63
CA PRO B 88 -30.21 3.59 18.57
C PRO B 88 -29.44 2.28 18.73
N MET B 89 -28.18 2.37 19.13
CA MET B 89 -27.35 1.23 19.43
C MET B 89 -27.74 0.58 20.74
N THR B 90 -28.74 -0.29 20.68
CA THR B 90 -29.18 -1.10 21.81
C THR B 90 -29.48 -2.51 21.33
N GLU B 91 -29.64 -3.44 22.26
CA GLU B 91 -29.98 -4.81 21.90
C GLU B 91 -31.24 -4.86 21.02
N ASP B 92 -32.28 -4.13 21.42
CA ASP B 92 -33.51 -4.09 20.65
C ASP B 92 -33.28 -3.41 19.30
N GLY B 93 -32.41 -2.39 19.28
CA GLY B 93 -32.12 -1.68 18.05
C GLY B 93 -31.41 -2.55 17.04
N LEU B 94 -30.43 -3.33 17.50
CA LEU B 94 -29.71 -4.25 16.60
C LEU B 94 -30.69 -5.26 16.00
N ARG B 95 -31.60 -5.76 16.82
CA ARG B 95 -32.63 -6.66 16.30
C ARG B 95 -33.51 -5.99 15.25
N ALA B 96 -33.91 -4.74 15.50
CA ALA B 96 -34.75 -4.02 14.56
C ALA B 96 -34.04 -3.71 13.25
N ILE B 97 -32.76 -3.33 13.33
CA ILE B 97 -31.99 -3.10 12.12
C ILE B 97 -31.92 -4.34 11.24
N LYS B 98 -31.66 -5.48 11.87
CA LYS B 98 -31.57 -6.73 11.12
C LYS B 98 -32.88 -7.03 10.38
N THR B 99 -33.99 -6.88 11.09
CA THR B 99 -35.29 -7.11 10.48
C THR B 99 -35.56 -6.11 9.36
N LEU B 100 -35.25 -4.84 9.62
CA LEU B 100 -35.54 -3.80 8.63
C LEU B 100 -34.68 -3.97 7.38
N SER B 101 -33.42 -4.36 7.56
N SER B 101 -33.42 -4.39 7.57
CA SER B 101 -32.54 -4.59 6.42
CA SER B 101 -32.52 -4.60 6.45
C SER B 101 -33.10 -5.67 5.52
C SER B 101 -33.00 -5.72 5.53
N SER B 102 -33.61 -6.75 6.13
CA SER B 102 -34.19 -7.84 5.36
C SER B 102 -35.44 -7.36 4.63
N GLU B 103 -36.03 -6.26 5.08
CA GLU B 103 -37.22 -5.71 4.42
C GLU B 103 -36.87 -4.59 3.43
N HIS B 104 -35.58 -4.39 3.22
CA HIS B 104 -35.08 -3.36 2.31
C HIS B 104 -35.48 -1.95 2.74
N ILE B 105 -35.47 -1.71 4.04
CA ILE B 105 -35.72 -0.40 4.59
C ILE B 105 -34.37 0.10 5.09
N ASN B 106 -33.94 1.25 4.58
CA ASN B 106 -32.65 1.83 4.93
C ASN B 106 -32.62 2.31 6.37
N THR B 107 -31.48 2.10 7.03
CA THR B 107 -31.35 2.33 8.46
C THR B 107 -30.09 3.12 8.80
N ASN B 108 -30.12 3.80 9.94
CA ASN B 108 -28.99 4.63 10.37
C ASN B 108 -28.87 4.36 11.87
N CYS B 109 -27.81 3.68 12.30
CA CYS B 109 -27.61 3.38 13.71
C CYS B 109 -26.94 4.55 14.43
N THR B 110 -27.57 5.02 15.51
CA THR B 110 -27.13 6.25 16.16
C THR B 110 -26.67 5.99 17.59
N LEU B 111 -26.18 7.05 18.24
CA LEU B 111 -25.69 6.97 19.62
C LEU B 111 -24.58 5.92 19.74
N VAL B 112 -23.64 5.99 18.80
CA VAL B 112 -22.46 5.11 18.77
C VAL B 112 -21.27 5.92 19.26
N PHE B 113 -20.51 5.35 20.19
CA PHE B 113 -19.45 6.09 20.87
C PHE B 113 -18.11 5.36 20.92
N ASN B 114 -18.03 4.19 20.31
CA ASN B 114 -16.74 3.53 20.18
C ASN B 114 -16.76 2.65 18.91
N PRO B 115 -15.60 2.17 18.48
CA PRO B 115 -15.56 1.45 17.19
C PRO B 115 -16.23 0.09 17.24
N ILE B 116 -16.22 -0.58 18.40
CA ILE B 116 -16.89 -1.87 18.47
C ILE B 116 -18.43 -1.77 18.36
N GLN B 117 -19.04 -0.77 19.00
CA GLN B 117 -20.47 -0.53 18.74
C GLN B 117 -20.73 -0.32 17.23
N ALA B 118 -19.84 0.40 16.56
CA ALA B 118 -20.07 0.66 15.14
C ALA B 118 -19.96 -0.65 14.37
N LEU B 119 -19.00 -1.49 14.74
CA LEU B 119 -18.89 -2.80 14.08
C LEU B 119 -20.15 -3.65 14.27
N LEU B 120 -20.73 -3.64 15.47
CA LEU B 120 -21.94 -4.43 15.73
C LEU B 120 -23.07 -3.94 14.84
N ALA B 121 -23.17 -2.62 14.67
CA ALA B 121 -24.23 -2.07 13.83
C ALA B 121 -24.04 -2.53 12.37
N ALA B 122 -22.79 -2.52 11.90
CA ALA B 122 -22.50 -2.99 10.55
C ALA B 122 -22.87 -4.47 10.39
N LYS B 123 -22.59 -5.25 11.43
CA LYS B 123 -22.91 -6.68 11.40
C LYS B 123 -24.41 -6.95 11.33
N ALA B 124 -25.21 -6.03 11.87
CA ALA B 124 -26.66 -6.15 11.82
C ALA B 124 -27.21 -5.76 10.43
N GLY B 125 -26.33 -5.25 9.58
CA GLY B 125 -26.69 -4.85 8.23
C GLY B 125 -27.09 -3.39 8.04
N VAL B 126 -26.74 -2.52 8.99
CA VAL B 126 -27.21 -1.15 8.95
C VAL B 126 -26.66 -0.40 7.72
N THR B 127 -27.47 0.50 7.15
CA THR B 127 -27.03 1.26 5.99
C THR B 127 -25.99 2.32 6.35
N TYR B 128 -26.24 3.05 7.43
CA TYR B 128 -25.30 4.07 7.93
C TYR B 128 -25.07 3.87 9.41
N VAL B 129 -23.85 4.12 9.85
CA VAL B 129 -23.58 4.15 11.28
C VAL B 129 -23.11 5.55 11.67
N SER B 130 -23.62 6.06 12.78
CA SER B 130 -23.32 7.45 13.18
C SER B 130 -22.61 7.53 14.52
N PRO B 131 -21.28 7.41 14.51
CA PRO B 131 -20.51 7.71 15.72
C PRO B 131 -20.59 9.21 16.06
N PHE B 132 -20.64 9.55 17.34
CA PHE B 132 -20.74 10.96 17.76
C PHE B 132 -19.36 11.50 18.16
N VAL B 133 -18.88 12.53 17.48
N VAL B 133 -18.90 12.53 17.46
CA VAL B 133 -17.55 13.04 17.85
CA VAL B 133 -17.59 13.11 17.78
C VAL B 133 -17.59 14.17 18.90
C VAL B 133 -17.65 14.11 18.92
N GLY B 134 -18.54 15.09 18.81
CA GLY B 134 -18.59 16.22 19.73
C GLY B 134 -18.87 15.79 21.17
N ARG B 135 -19.77 14.83 21.34
CA ARG B 135 -20.10 14.38 22.70
C ARG B 135 -18.94 13.63 23.35
N LEU B 136 -18.05 13.06 22.54
CA LEU B 136 -16.82 12.50 23.08
C LEU B 136 -15.86 13.63 23.46
N ASP B 137 -15.70 14.64 22.58
CA ASP B 137 -14.90 15.81 22.92
C ASP B 137 -15.37 16.39 24.25
N ASP B 138 -16.71 16.41 24.45
CA ASP B 138 -17.30 16.97 25.66
C ASP B 138 -16.75 16.31 26.93
N ILE B 139 -16.48 15.01 26.86
CA ILE B 139 -15.99 14.29 28.04
C ILE B 139 -14.50 14.01 27.99
N GLY B 140 -13.78 14.82 27.22
CA GLY B 140 -12.32 14.80 27.29
C GLY B 140 -11.63 13.73 26.48
N GLU B 141 -12.29 13.18 25.47
CA GLU B 141 -11.71 12.19 24.58
C GLU B 141 -11.79 12.78 23.17
N ASP B 142 -10.72 12.73 22.39
CA ASP B 142 -10.79 13.23 21.00
C ASP B 142 -11.64 12.32 20.13
N GLY B 143 -12.87 12.77 19.87
CA GLY B 143 -13.82 11.95 19.14
C GLY B 143 -13.37 11.48 17.78
N MET B 144 -12.54 12.27 17.13
CA MET B 144 -12.10 11.89 15.79
C MET B 144 -11.27 10.61 15.78
N GLN B 145 -10.63 10.25 16.89
CA GLN B 145 -9.87 9.01 16.92
C GLN B 145 -10.76 7.78 16.70
N ILE B 146 -11.99 7.86 17.18
CA ILE B 146 -12.94 6.77 16.98
C ILE B 146 -13.30 6.63 15.49
N ILE B 147 -13.45 7.77 14.80
CA ILE B 147 -13.73 7.75 13.36
C ILE B 147 -12.59 7.05 12.62
N ASP B 148 -11.36 7.39 13.02
CA ASP B 148 -10.15 6.83 12.38
C ASP B 148 -10.15 5.29 12.55
N MET B 149 -10.44 4.82 13.77
CA MET B 149 -10.46 3.37 13.98
C MET B 149 -11.61 2.68 13.24
N ILE B 150 -12.77 3.30 13.20
CA ILE B 150 -13.89 2.72 12.45
C ILE B 150 -13.54 2.56 10.97
N ARG B 151 -12.90 3.58 10.39
CA ARG B 151 -12.54 3.50 8.97
C ARG B 151 -11.59 2.34 8.70
N THR B 152 -10.60 2.17 9.58
CA THR B 152 -9.66 1.06 9.47
C THR B 152 -10.35 -0.29 9.58
N ILE B 153 -11.20 -0.43 10.58
CA ILE B 153 -11.97 -1.66 10.77
C ILE B 153 -12.84 -1.94 9.56
N PHE B 154 -13.55 -0.93 9.07
CA PHE B 154 -14.44 -1.17 7.94
C PHE B 154 -13.63 -1.53 6.68
N ASN B 155 -12.49 -0.88 6.51
CA ASN B 155 -11.61 -1.24 5.41
C ASN B 155 -11.13 -2.68 5.51
N ASN B 156 -10.76 -3.11 6.71
CA ASN B 156 -10.24 -4.45 6.90
C ASN B 156 -11.20 -5.52 6.38
N TYR B 157 -12.49 -5.31 6.63
CA TYR B 157 -13.52 -6.35 6.40
C TYR B 157 -14.39 -6.04 5.18
N ILE B 158 -13.97 -5.02 4.42
CA ILE B 158 -14.70 -4.58 3.23
C ILE B 158 -16.19 -4.38 3.55
N ILE B 159 -16.42 -3.66 4.66
CA ILE B 159 -17.76 -3.43 5.15
C ILE B 159 -18.43 -2.35 4.33
N LYS B 160 -19.70 -2.58 3.99
CA LYS B 160 -20.45 -1.70 3.09
C LYS B 160 -21.29 -0.66 3.82
N THR B 161 -21.45 -0.82 5.14
CA THR B 161 -22.09 0.21 5.95
C THR B 161 -21.32 1.51 5.78
N GLN B 162 -22.05 2.62 5.55
CA GLN B 162 -21.41 3.94 5.41
C GLN B 162 -21.17 4.57 6.78
N ILE B 163 -20.00 5.17 6.95
CA ILE B 163 -19.70 5.93 8.16
C ILE B 163 -20.28 7.32 8.00
N LEU B 164 -21.22 7.67 8.89
CA LEU B 164 -21.92 8.96 8.82
C LEU B 164 -21.55 9.70 10.09
N VAL B 165 -20.51 10.53 10.02
CA VAL B 165 -20.01 11.19 11.22
C VAL B 165 -21.03 12.20 11.75
N ALA B 166 -21.35 12.08 13.03
CA ALA B 166 -22.36 12.95 13.63
C ALA B 166 -21.83 13.69 14.88
N SER B 167 -22.70 14.45 15.55
CA SER B 167 -22.26 15.37 16.60
C SER B 167 -21.03 16.17 16.12
N ILE B 168 -21.14 16.78 14.95
CA ILE B 168 -20.07 17.63 14.42
C ILE B 168 -20.21 19.04 15.01
N ARG B 169 -19.10 19.62 15.47
CA ARG B 169 -19.14 20.91 16.18
C ARG B 169 -18.36 22.03 15.48
N ASN B 170 -17.46 21.66 14.57
CA ASN B 170 -16.59 22.64 13.94
C ASN B 170 -16.05 22.14 12.60
N PRO B 171 -15.43 23.03 11.81
CA PRO B 171 -14.95 22.65 10.47
C PRO B 171 -13.74 21.72 10.46
N ILE B 172 -13.05 21.57 11.60
CA ILE B 172 -11.91 20.65 11.66
C ILE B 172 -12.41 19.21 11.86
N HIS B 173 -13.55 19.04 12.53
CA HIS B 173 -14.19 17.72 12.51
C HIS B 173 -14.43 17.32 11.05
N VAL B 174 -14.87 18.29 10.24
CA VAL B 174 -15.20 18.02 8.86
C VAL B 174 -13.92 17.73 8.06
N LEU B 175 -12.91 18.58 8.21
CA LEU B 175 -11.61 18.34 7.56
C LEU B 175 -11.01 16.97 7.93
N ARG B 176 -10.96 16.66 9.21
CA ARG B 176 -10.35 15.41 9.64
C ARG B 176 -11.18 14.22 9.10
N SER B 177 -12.49 14.37 9.08
CA SER B 177 -13.32 13.30 8.51
C SER B 177 -12.98 12.99 7.06
N ALA B 178 -12.71 14.04 6.29
CA ALA B 178 -12.45 13.87 4.85
C ALA B 178 -11.07 13.23 4.66
N VAL B 179 -10.11 13.63 5.49
CA VAL B 179 -8.76 13.09 5.40
C VAL B 179 -8.75 11.61 5.82
N ILE B 180 -9.55 11.25 6.81
CA ILE B 180 -9.71 9.85 7.21
C ILE B 180 -10.42 9.05 6.11
N GLY B 181 -11.41 9.67 5.49
CA GLY B 181 -12.17 9.00 4.44
C GLY B 181 -13.56 8.55 4.87
N ALA B 182 -14.18 9.25 5.83
CA ALA B 182 -15.56 8.93 6.22
C ALA B 182 -16.49 9.11 5.02
N ASP B 183 -17.52 8.30 4.93
CA ASP B 183 -18.41 8.37 3.79
C ASP B 183 -19.29 9.63 3.78
N VAL B 184 -19.74 10.03 4.96
CA VAL B 184 -20.66 11.15 5.11
C VAL B 184 -20.34 11.92 6.39
N VAL B 185 -20.54 13.23 6.37
CA VAL B 185 -20.58 14.02 7.60
C VAL B 185 -21.94 14.69 7.70
N THR B 186 -22.50 14.77 8.90
CA THR B 186 -23.74 15.56 9.02
C THR B 186 -23.43 16.74 9.93
N VAL B 187 -23.76 17.95 9.48
CA VAL B 187 -23.27 19.15 10.17
C VAL B 187 -24.40 20.11 10.52
N PRO B 188 -24.31 20.77 11.69
CA PRO B 188 -25.28 21.85 11.98
C PRO B 188 -25.08 23.00 11.01
N PHE B 189 -26.10 23.84 10.87
CA PHE B 189 -26.13 24.88 9.85
C PHE B 189 -24.98 25.90 10.02
N ASN B 190 -24.69 26.24 11.27
CA ASN B 190 -23.60 27.19 11.53
C ASN B 190 -22.26 26.67 10.97
N VAL B 191 -22.00 25.37 11.17
CA VAL B 191 -20.79 24.76 10.61
C VAL B 191 -20.87 24.73 9.08
N LEU B 192 -22.01 24.31 8.54
CA LEU B 192 -22.21 24.31 7.09
C LEU B 192 -21.83 25.64 6.44
N LYS B 193 -22.34 26.73 6.99
CA LYS B 193 -22.12 28.05 6.42
C LYS B 193 -20.63 28.48 6.42
N SER B 194 -19.85 27.93 7.33
CA SER B 194 -18.44 28.34 7.44
C SER B 194 -17.58 27.62 6.39
N LEU B 195 -18.05 26.47 5.90
CA LEU B 195 -17.21 25.63 5.05
C LEU B 195 -16.79 26.30 3.73
N MET B 196 -17.65 27.16 3.18
CA MET B 196 -17.30 27.75 1.91
C MET B 196 -16.32 28.92 2.04
N LYS B 197 -16.16 29.42 3.27
CA LYS B 197 -15.55 30.73 3.51
C LYS B 197 -14.05 30.70 3.88
N HIS B 198 -13.33 31.72 3.46
CA HIS B 198 -11.95 31.93 3.92
C HIS B 198 -11.62 33.39 3.65
N PRO B 199 -10.90 34.03 4.58
CA PRO B 199 -10.60 35.46 4.43
C PRO B 199 -9.76 35.77 3.19
N LYS B 200 -8.86 34.87 2.80
CA LYS B 200 -8.08 35.09 1.58
C LYS B 200 -8.91 34.97 0.29
N THR B 201 -10.03 34.26 0.34
CA THR B 201 -10.92 34.23 -0.83
C THR B 201 -11.55 35.64 -1.00
N ASP B 202 -12.09 36.17 0.09
CA ASP B 202 -12.70 37.50 0.05
C ASP B 202 -11.66 38.54 -0.38
N GLU B 203 -10.47 38.46 0.20
CA GLU B 203 -9.41 39.43 -0.09
C GLU B 203 -8.96 39.33 -1.56
N GLY B 204 -8.86 38.12 -2.10
CA GLY B 204 -8.45 37.95 -3.48
C GLY B 204 -9.49 38.46 -4.45
N LEU B 205 -10.75 38.30 -4.06
CA LEU B 205 -11.83 38.77 -4.95
C LEU B 205 -11.86 40.28 -5.01
N ALA B 206 -11.62 40.90 -3.86
CA ALA B 206 -11.61 42.36 -3.78
C ALA B 206 -10.50 42.94 -4.66
N LYS B 207 -9.35 42.29 -4.64
CA LYS B 207 -8.20 42.75 -5.41
C LYS B 207 -8.46 42.56 -6.90
N PHE B 208 -9.00 41.40 -7.27
CA PHE B 208 -9.36 41.16 -8.66
C PHE B 208 -10.35 42.21 -9.15
N LEU B 209 -11.29 42.61 -8.29
CA LEU B 209 -12.30 43.59 -8.70
C LEU B 209 -11.61 44.92 -8.97
N GLU B 210 -10.75 45.31 -8.04
CA GLU B 210 -10.02 46.57 -8.11
C GLU B 210 -9.12 46.64 -9.35
N ASP B 211 -8.38 45.56 -9.62
CA ASP B 211 -7.48 45.55 -10.76
C ASP B 211 -8.24 45.59 -12.08
N TRP B 212 -9.37 44.91 -12.14
CA TRP B 212 -10.16 44.85 -13.37
C TRP B 212 -10.76 46.19 -13.73
N LYS B 213 -11.10 46.99 -12.72
CA LYS B 213 -11.68 48.31 -12.98
C LYS B 213 -10.73 49.17 -13.78
N LYS B 214 -9.45 48.85 -13.71
CA LYS B 214 -8.43 49.62 -14.41
C LYS B 214 -8.53 49.48 -15.94
N VAL B 215 -9.10 48.37 -16.41
CA VAL B 215 -9.25 48.17 -17.85
C VAL B 215 -10.72 48.11 -18.27
N SER B 216 -11.61 48.16 -17.30
CA SER B 216 -13.04 48.16 -17.58
C SER B 216 -13.76 48.87 -16.44
N PRO B 217 -13.80 50.20 -16.48
CA PRO B 217 -14.38 51.02 -15.41
C PRO B 217 -15.76 50.55 -14.93
N ASP B 218 -16.60 50.07 -15.85
CA ASP B 218 -17.93 49.59 -15.46
C ASP B 218 -17.90 48.19 -14.83
N GLY B 219 -16.74 47.54 -14.87
CA GLY B 219 -16.54 46.27 -14.18
C GLY B 219 -17.09 45.02 -14.86
N LYS B 220 -17.33 45.07 -16.16
CA LYS B 220 -17.79 43.86 -16.84
C LYS B 220 -16.76 43.27 -17.81
N LEU B 221 -17.06 42.08 -18.31
CA LEU B 221 -16.17 41.37 -19.23
C LEU B 221 -16.87 41.20 -20.56
N ILE B 222 -16.53 42.05 -21.51
CA ILE B 222 -17.14 42.01 -22.84
C ILE B 222 -16.30 41.18 -23.81
N LEU B 223 -16.81 40.00 -24.16
CA LEU B 223 -16.11 39.11 -25.08
C LEU B 223 -17.01 38.71 -26.24
N MET C 1 -15.52 -8.87 10.96
CA MET C 1 -15.02 -9.76 12.00
C MET C 1 -16.20 -10.55 12.58
N LYS C 2 -16.09 -11.87 12.59
CA LYS C 2 -17.11 -12.69 13.21
C LYS C 2 -16.90 -12.68 14.71
N ILE C 3 -17.99 -12.78 15.46
CA ILE C 3 -17.92 -12.85 16.90
C ILE C 3 -18.52 -14.18 17.36
N PHE C 4 -17.72 -15.02 18.00
CA PHE C 4 -18.23 -16.30 18.54
C PHE C 4 -18.38 -16.15 20.05
N LEU C 5 -19.24 -17.00 20.62
CA LEU C 5 -19.38 -17.06 22.06
C LEU C 5 -18.51 -18.20 22.58
N ASP C 6 -17.68 -17.90 23.59
CA ASP C 6 -16.76 -18.87 24.18
C ASP C 6 -17.32 -19.41 25.49
N THR C 7 -18.20 -20.40 25.36
CA THR C 7 -18.89 -20.93 26.53
C THR C 7 -19.57 -22.23 26.14
N ALA C 8 -19.90 -23.04 27.14
CA ALA C 8 -20.73 -24.21 26.88
C ALA C 8 -22.02 -24.07 27.66
N ASN C 9 -22.24 -22.88 28.21
CA ASN C 9 -23.48 -22.61 28.94
C ASN C 9 -24.64 -22.38 27.98
N ILE C 10 -25.59 -23.30 27.99
CA ILE C 10 -26.69 -23.29 27.02
C ILE C 10 -27.51 -22.01 27.10
N ASP C 11 -27.77 -21.52 28.31
CA ASP C 11 -28.56 -20.29 28.50
C ASP C 11 -27.88 -19.08 27.86
N GLU C 12 -26.56 -18.97 28.05
CA GLU C 12 -25.83 -17.86 27.46
C GLU C 12 -25.89 -17.94 25.94
N ILE C 13 -25.71 -19.14 25.42
CA ILE C 13 -25.76 -19.37 23.99
C ILE C 13 -27.12 -18.97 23.39
N ARG C 14 -28.20 -19.46 24.00
CA ARG C 14 -29.53 -19.08 23.53
C ARG C 14 -29.71 -17.57 23.53
N THR C 15 -29.40 -16.94 24.66
CA THR C 15 -29.48 -15.48 24.77
C THR C 15 -28.64 -14.75 23.72
N GLY C 16 -27.38 -15.11 23.60
CA GLY C 16 -26.52 -14.47 22.60
C GLY C 16 -27.05 -14.63 21.19
N VAL C 17 -27.52 -15.84 20.88
CA VAL C 17 -28.00 -16.12 19.53
C VAL C 17 -29.22 -15.27 19.23
N ASN C 18 -30.09 -15.10 20.22
CA ASN C 18 -31.29 -14.30 20.06
C ASN C 18 -31.06 -12.79 20.02
N TRP C 19 -29.95 -12.33 20.58
CA TRP C 19 -29.52 -10.95 20.36
C TRP C 19 -29.18 -10.74 18.91
N GLY C 20 -28.89 -11.85 18.22
CA GLY C 20 -28.54 -11.81 16.82
C GLY C 20 -27.11 -11.39 16.54
N ILE C 21 -26.27 -11.38 17.58
CA ILE C 21 -24.91 -10.85 17.43
C ILE C 21 -23.83 -11.95 17.43
N VAL C 22 -24.28 -13.20 17.52
CA VAL C 22 -23.38 -14.34 17.66
C VAL C 22 -23.34 -15.19 16.40
N ASP C 23 -22.13 -15.43 15.92
CA ASP C 23 -21.93 -16.07 14.62
C ASP C 23 -21.51 -17.53 14.77
N GLY C 24 -21.24 -17.97 16.01
CA GLY C 24 -20.73 -19.30 16.26
C GLY C 24 -20.39 -19.47 17.72
N VAL C 25 -19.92 -20.65 18.09
CA VAL C 25 -19.52 -20.93 19.46
C VAL C 25 -18.24 -21.74 19.51
N THR C 26 -17.39 -21.46 20.50
CA THR C 26 -16.26 -22.35 20.78
C THR C 26 -16.41 -22.95 22.17
N THR C 27 -16.13 -24.24 22.28
CA THR C 27 -16.03 -24.86 23.59
C THR C 27 -14.64 -25.44 23.79
N ASN C 28 -14.39 -25.96 24.97
CA ASN C 28 -13.18 -26.72 25.26
C ASN C 28 -13.51 -27.65 26.44
N PRO C 29 -12.57 -28.53 26.82
CA PRO C 29 -12.97 -29.51 27.84
C PRO C 29 -13.27 -28.90 29.21
N THR C 30 -12.64 -27.78 29.53
CA THR C 30 -12.90 -27.09 30.80
C THR C 30 -14.31 -26.50 30.81
N LEU C 31 -14.66 -25.78 29.74
CA LEU C 31 -15.97 -25.16 29.63
C LEU C 31 -17.08 -26.20 29.70
N ILE C 32 -16.88 -27.32 29.02
CA ILE C 32 -17.90 -28.36 29.02
C ILE C 32 -18.02 -29.05 30.39
N SER C 33 -16.89 -29.32 31.03
CA SER C 33 -16.92 -30.01 32.32
C SER C 33 -17.65 -29.15 33.35
N LYS C 34 -17.53 -27.84 33.19
CA LYS C 34 -18.22 -26.89 34.05
C LYS C 34 -19.73 -27.03 33.96
N GLU C 35 -20.25 -27.31 32.78
CA GLU C 35 -21.68 -27.44 32.56
C GLU C 35 -22.19 -28.86 32.85
N ALA C 36 -21.36 -29.86 32.56
CA ALA C 36 -21.76 -31.26 32.74
C ALA C 36 -21.75 -31.64 34.21
N VAL C 37 -22.63 -31.00 34.97
CA VAL C 37 -22.71 -31.22 36.40
C VAL C 37 -24.14 -31.58 36.77
N ASN C 38 -24.30 -32.27 37.90
CA ASN C 38 -25.62 -32.60 38.42
C ASN C 38 -26.49 -33.31 37.39
N GLY C 39 -26.00 -34.43 36.89
CA GLY C 39 -26.78 -35.25 35.97
C GLY C 39 -26.63 -34.91 34.51
N LYS C 40 -26.25 -33.66 34.21
CA LYS C 40 -26.07 -33.22 32.83
C LYS C 40 -24.91 -33.96 32.18
N LYS C 41 -25.13 -34.50 30.99
CA LYS C 41 -24.13 -35.30 30.29
C LYS C 41 -23.45 -34.49 29.20
N TYR C 42 -22.13 -34.64 29.07
CA TYR C 42 -21.39 -33.88 28.08
C TYR C 42 -21.89 -34.11 26.66
N GLY C 43 -22.28 -35.35 26.34
CA GLY C 43 -22.71 -35.63 24.99
C GLY C 43 -24.00 -34.91 24.65
N ASP C 44 -24.86 -34.73 25.64
CA ASP C 44 -26.13 -34.03 25.43
C ASP C 44 -25.89 -32.53 25.24
N ILE C 45 -24.98 -31.99 26.04
CA ILE C 45 -24.59 -30.59 25.94
C ILE C 45 -24.05 -30.24 24.57
N ILE C 46 -23.11 -31.04 24.08
CA ILE C 46 -22.54 -30.85 22.76
C ILE C 46 -23.61 -30.94 21.66
N ARG C 47 -24.49 -31.93 21.75
CA ARG C 47 -25.50 -32.06 20.72
C ARG C 47 -26.47 -30.87 20.71
N GLU C 48 -26.80 -30.37 21.90
CA GLU C 48 -27.77 -29.27 21.98
C GLU C 48 -27.17 -27.99 21.41
N ILE C 49 -25.88 -27.78 21.69
CA ILE C 49 -25.22 -26.61 21.14
C ILE C 49 -25.25 -26.66 19.61
N LEU C 50 -24.91 -27.81 19.04
CA LEU C 50 -24.93 -27.95 17.58
C LEU C 50 -26.30 -27.64 17.03
N LYS C 51 -27.33 -28.04 17.77
CA LYS C 51 -28.71 -27.77 17.40
C LYS C 51 -29.10 -26.28 17.44
N ILE C 52 -28.81 -25.61 18.55
CA ILE C 52 -29.21 -24.22 18.78
C ILE C 52 -28.47 -23.23 17.85
N VAL C 53 -27.21 -23.54 17.51
CA VAL C 53 -26.33 -22.60 16.82
C VAL C 53 -26.27 -22.87 15.32
N ASP C 54 -26.52 -21.87 14.50
CA ASP C 54 -26.43 -22.06 13.06
C ASP C 54 -24.98 -22.01 12.57
N GLY C 55 -24.14 -21.19 13.19
CA GLY C 55 -22.76 -21.06 12.76
C GLY C 55 -21.83 -22.19 13.23
N PRO C 56 -20.53 -22.02 13.02
CA PRO C 56 -19.58 -23.04 13.48
C PRO C 56 -19.65 -23.26 14.98
N VAL C 57 -19.43 -24.49 15.40
CA VAL C 57 -19.32 -24.85 16.81
C VAL C 57 -18.09 -25.70 17.00
N SER C 58 -17.10 -25.16 17.71
N SER C 58 -17.10 -25.17 17.73
CA SER C 58 -15.84 -25.87 17.97
CA SER C 58 -15.84 -25.87 17.92
C SER C 58 -15.95 -26.80 19.16
C SER C 58 -15.89 -26.78 19.15
N VAL C 59 -15.60 -28.07 18.93
CA VAL C 59 -15.61 -29.07 19.99
C VAL C 59 -14.25 -29.75 19.97
N GLU C 60 -13.62 -29.81 21.14
CA GLU C 60 -12.24 -30.30 21.27
C GLU C 60 -12.10 -31.81 21.53
N VAL C 61 -11.19 -32.46 20.80
CA VAL C 61 -10.84 -33.84 21.09
C VAL C 61 -10.11 -33.90 22.42
N VAL C 62 -10.15 -35.06 23.07
CA VAL C 62 -9.49 -35.23 24.36
C VAL C 62 -8.29 -36.18 24.28
N SER C 63 -8.30 -37.06 23.29
CA SER C 63 -7.16 -37.95 23.05
C SER C 63 -5.91 -37.13 22.76
N THR C 64 -4.74 -37.67 23.09
CA THR C 64 -3.49 -36.95 22.86
C THR C 64 -2.68 -37.59 21.73
N LYS C 65 -3.16 -38.73 21.25
CA LYS C 65 -2.47 -39.45 20.20
C LYS C 65 -3.20 -39.32 18.87
N TYR C 66 -2.44 -39.31 17.79
CA TYR C 66 -2.98 -39.21 16.44
C TYR C 66 -4.23 -40.09 16.18
N GLU C 67 -4.15 -41.40 16.40
CA GLU C 67 -5.29 -42.24 16.05
C GLU C 67 -6.55 -41.87 16.83
N GLY C 68 -6.40 -41.61 18.12
CA GLY C 68 -7.52 -41.24 18.96
C GLY C 68 -8.11 -39.90 18.56
N MET C 69 -7.25 -38.98 18.14
CA MET C 69 -7.72 -37.67 17.72
C MET C 69 -8.56 -37.79 16.46
N VAL C 70 -8.06 -38.56 15.50
CA VAL C 70 -8.76 -38.71 14.23
C VAL C 70 -10.09 -39.46 14.43
N GLU C 71 -10.08 -40.50 15.26
CA GLU C 71 -11.31 -41.20 15.59
C GLU C 71 -12.36 -40.29 16.25
N GLU C 72 -11.94 -39.55 17.27
CA GLU C 72 -12.85 -38.61 17.93
C GLU C 72 -13.30 -37.48 16.99
N ALA C 73 -12.38 -36.99 16.15
CA ALA C 73 -12.75 -35.94 15.20
C ALA C 73 -13.87 -36.40 14.25
N ARG C 74 -13.74 -37.60 13.73
CA ARG C 74 -14.75 -38.11 12.82
C ARG C 74 -16.10 -38.23 13.52
N LYS C 75 -16.08 -38.62 14.79
CA LYS C 75 -17.33 -38.69 15.54
C LYS C 75 -17.94 -37.30 15.75
N ILE C 76 -17.13 -36.33 16.14
CA ILE C 76 -17.60 -34.95 16.28
C ILE C 76 -18.20 -34.45 14.99
N HIS C 77 -17.50 -34.67 13.87
CA HIS C 77 -17.98 -34.24 12.57
C HIS C 77 -19.31 -34.90 12.22
N GLY C 78 -19.51 -36.13 12.68
CA GLY C 78 -20.73 -36.86 12.39
C GLY C 78 -21.97 -36.31 13.08
N LEU C 79 -21.77 -35.45 14.08
CA LEU C 79 -22.89 -34.95 14.86
C LEU C 79 -23.64 -33.81 14.16
N GLY C 80 -22.98 -33.17 13.20
CA GLY C 80 -23.62 -32.10 12.45
C GLY C 80 -22.62 -31.36 11.57
N ASP C 81 -23.11 -30.80 10.48
CA ASP C 81 -22.25 -30.15 9.49
C ASP C 81 -21.59 -28.89 10.04
N ASN C 82 -22.15 -28.30 11.09
CA ASN C 82 -21.57 -27.09 11.66
C ASN C 82 -20.48 -27.36 12.70
N ALA C 83 -20.28 -28.63 13.04
CA ALA C 83 -19.24 -28.99 14.00
C ALA C 83 -17.86 -28.73 13.43
N VAL C 84 -16.99 -28.15 14.25
CA VAL C 84 -15.59 -27.91 13.88
C VAL C 84 -14.73 -28.58 14.94
N VAL C 85 -13.71 -29.32 14.50
CA VAL C 85 -12.93 -30.10 15.45
C VAL C 85 -11.72 -29.32 15.97
N LYS C 86 -11.69 -29.12 17.28
CA LYS C 86 -10.61 -28.42 17.97
C LYS C 86 -9.50 -29.43 18.29
N ILE C 87 -8.28 -29.13 17.83
N ILE C 87 -8.29 -29.12 17.84
CA ILE C 87 -7.14 -30.03 17.97
CA ILE C 87 -7.13 -29.99 17.93
C ILE C 87 -5.96 -29.22 18.48
C ILE C 87 -6.01 -29.16 18.54
N PRO C 88 -5.26 -29.72 19.50
CA PRO C 88 -4.20 -28.89 20.11
C PRO C 88 -2.94 -28.80 19.24
N MET C 89 -2.16 -27.72 19.42
CA MET C 89 -0.87 -27.55 18.75
C MET C 89 0.14 -28.54 19.32
N THR C 90 0.12 -29.77 18.80
CA THR C 90 1.13 -30.78 19.13
C THR C 90 1.53 -31.54 17.87
N GLU C 91 2.60 -32.31 17.95
CA GLU C 91 3.05 -33.13 16.82
C GLU C 91 1.92 -34.00 16.29
N ASP C 92 1.30 -34.76 17.18
N ASP C 92 1.29 -34.76 17.17
CA ASP C 92 0.15 -35.59 16.81
CA ASP C 92 0.15 -35.58 16.73
C ASP C 92 -0.99 -34.73 16.28
C ASP C 92 -1.04 -34.74 16.29
N GLY C 93 -1.24 -33.60 16.94
CA GLY C 93 -2.27 -32.66 16.51
C GLY C 93 -2.11 -32.19 15.07
N LEU C 94 -0.90 -31.79 14.69
CA LEU C 94 -0.65 -31.36 13.33
C LEU C 94 -0.90 -32.49 12.32
N ARG C 95 -0.50 -33.71 12.67
CA ARG C 95 -0.74 -34.84 11.79
C ARG C 95 -2.24 -35.05 11.65
N ALA C 96 -2.97 -34.95 12.75
CA ALA C 96 -4.41 -35.14 12.68
C ALA C 96 -5.04 -34.09 11.78
N ILE C 97 -4.58 -32.84 11.91
CA ILE C 97 -5.16 -31.77 11.09
C ILE C 97 -4.99 -32.07 9.59
N LYS C 98 -3.79 -32.48 9.22
CA LYS C 98 -3.50 -32.82 7.83
C LYS C 98 -4.44 -33.91 7.31
N THR C 99 -4.49 -35.02 8.04
CA THR C 99 -5.45 -36.07 7.69
C THR C 99 -6.89 -35.55 7.56
N LEU C 100 -7.37 -34.86 8.59
CA LEU C 100 -8.75 -34.40 8.61
C LEU C 100 -9.06 -33.38 7.51
N SER C 101 -8.11 -32.50 7.23
N SER C 101 -8.09 -32.52 7.22
CA SER C 101 -8.28 -31.57 6.13
CA SER C 101 -8.22 -31.56 6.13
C SER C 101 -8.50 -32.31 4.82
C SER C 101 -8.46 -32.28 4.81
N SER C 102 -7.78 -33.40 4.62
CA SER C 102 -7.91 -34.18 3.38
C SER C 102 -9.27 -34.89 3.34
N GLU C 103 -9.88 -35.05 4.51
CA GLU C 103 -11.22 -35.62 4.59
C GLU C 103 -12.31 -34.55 4.61
N HIS C 104 -11.93 -33.30 4.34
CA HIS C 104 -12.92 -32.21 4.28
C HIS C 104 -13.68 -32.05 5.59
N ILE C 105 -12.98 -32.22 6.70
CA ILE C 105 -13.53 -31.96 8.02
C ILE C 105 -12.88 -30.68 8.54
N ASN C 106 -13.71 -29.70 8.91
CA ASN C 106 -13.20 -28.41 9.43
C ASN C 106 -12.53 -28.56 10.78
N THR C 107 -11.42 -27.83 10.97
CA THR C 107 -10.55 -27.95 12.14
C THR C 107 -10.21 -26.59 12.74
N ASN C 108 -9.93 -26.60 14.04
CA ASN C 108 -9.55 -25.39 14.76
C ASN C 108 -8.36 -25.76 15.64
N CYS C 109 -7.17 -25.24 15.32
CA CYS C 109 -6.00 -25.57 16.11
C CYS C 109 -5.91 -24.65 17.31
N THR C 110 -5.86 -25.24 18.49
CA THR C 110 -5.94 -24.45 19.72
C THR C 110 -4.65 -24.51 20.53
N LEU C 111 -4.60 -23.76 21.64
CA LEU C 111 -3.41 -23.69 22.48
C LEU C 111 -2.18 -23.19 21.73
N VAL C 112 -2.39 -22.15 20.95
CA VAL C 112 -1.31 -21.48 20.22
C VAL C 112 -0.87 -20.21 20.97
N PHE C 113 0.44 -20.04 21.13
CA PHE C 113 0.97 -18.96 21.95
C PHE C 113 2.05 -18.12 21.26
N ASN C 114 2.35 -18.45 20.01
CA ASN C 114 3.27 -17.59 19.25
C ASN C 114 2.99 -17.68 17.75
N PRO C 115 3.57 -16.79 16.95
CA PRO C 115 3.17 -16.78 15.54
C PRO C 115 3.66 -17.97 14.72
N ILE C 116 4.79 -18.57 15.11
CA ILE C 116 5.26 -19.70 14.34
C ILE C 116 4.41 -20.96 14.58
N GLN C 117 3.94 -21.18 15.81
CA GLN C 117 2.95 -22.23 16.04
C GLN C 117 1.75 -22.02 15.11
N ALA C 118 1.31 -20.76 14.98
CA ALA C 118 0.12 -20.50 14.15
C ALA C 118 0.41 -20.81 12.69
N LEU C 119 1.60 -20.43 12.22
CA LEU C 119 1.98 -20.76 10.85
C LEU C 119 2.04 -22.27 10.60
N LEU C 120 2.59 -23.03 11.54
CA LEU C 120 2.64 -24.49 11.37
C LEU C 120 1.25 -25.08 11.24
N ALA C 121 0.31 -24.58 12.05
CA ALA C 121 -1.07 -25.05 11.98
C ALA C 121 -1.66 -24.76 10.61
N ALA C 122 -1.40 -23.55 10.11
CA ALA C 122 -1.90 -23.16 8.80
C ALA C 122 -1.32 -24.07 7.71
N LYS C 123 -0.04 -24.41 7.85
CA LYS C 123 0.63 -25.25 6.85
C LYS C 123 0.07 -26.67 6.86
N ALA C 124 -0.53 -27.07 7.97
CA ALA C 124 -1.16 -28.39 8.05
C ALA C 124 -2.55 -28.37 7.44
N GLY C 125 -3.03 -27.18 7.08
CA GLY C 125 -4.32 -27.01 6.43
C GLY C 125 -5.49 -26.69 7.33
N VAL C 126 -5.22 -26.22 8.54
CA VAL C 126 -6.27 -26.00 9.54
C VAL C 126 -7.25 -24.91 9.10
N THR C 127 -8.52 -25.04 9.50
CA THR C 127 -9.53 -24.06 9.10
C THR C 127 -9.41 -22.76 9.89
N TYR C 128 -9.16 -22.90 11.18
CA TYR C 128 -9.04 -21.78 12.09
C TYR C 128 -7.85 -22.03 12.96
N VAL C 129 -7.13 -20.97 13.30
CA VAL C 129 -6.13 -21.08 14.35
C VAL C 129 -6.48 -20.15 15.51
N SER C 130 -6.30 -20.65 16.74
CA SER C 130 -6.69 -19.88 17.93
C SER C 130 -5.55 -19.55 18.89
N PRO C 131 -4.87 -18.43 18.65
CA PRO C 131 -3.89 -17.95 19.65
C PRO C 131 -4.61 -17.43 20.89
N PHE C 132 -4.00 -17.59 22.06
CA PHE C 132 -4.61 -17.24 23.33
C PHE C 132 -4.02 -15.93 23.83
N VAL C 133 -4.79 -14.85 23.84
N VAL C 133 -4.79 -14.85 23.79
CA VAL C 133 -4.20 -13.57 24.24
CA VAL C 133 -4.29 -13.55 24.22
C VAL C 133 -4.23 -13.29 25.75
C VAL C 133 -4.17 -13.44 25.74
N GLY C 134 -5.30 -13.69 26.43
CA GLY C 134 -5.37 -13.48 27.87
C GLY C 134 -4.30 -14.24 28.66
N ARG C 135 -4.00 -15.47 28.25
CA ARG C 135 -3.00 -16.27 28.98
C ARG C 135 -1.58 -15.77 28.74
N LEU C 136 -1.37 -15.10 27.62
CA LEU C 136 -0.11 -14.39 27.43
C LEU C 136 -0.04 -13.16 28.33
N ASP C 137 -1.13 -12.39 28.38
CA ASP C 137 -1.20 -11.26 29.30
C ASP C 137 -0.86 -11.72 30.72
N ASP C 138 -1.35 -12.90 31.09
CA ASP C 138 -1.16 -13.45 32.43
C ASP C 138 0.33 -13.54 32.76
N ILE C 139 1.15 -13.90 31.78
CA ILE C 139 2.57 -14.11 32.03
C ILE C 139 3.42 -12.90 31.63
N GLY C 140 2.76 -11.76 31.47
CA GLY C 140 3.46 -10.49 31.36
C GLY C 140 3.94 -10.14 29.96
N GLU C 141 3.28 -10.70 28.96
CA GLU C 141 3.53 -10.37 27.57
C GLU C 141 2.20 -9.90 26.96
N ASP C 142 2.21 -8.79 26.22
CA ASP C 142 0.96 -8.30 25.61
C ASP C 142 0.53 -9.23 24.50
N GLY C 143 -0.50 -10.04 24.76
CA GLY C 143 -0.91 -11.07 23.82
C GLY C 143 -1.35 -10.54 22.46
N MET C 144 -1.82 -9.29 22.41
CA MET C 144 -2.30 -8.74 21.14
C MET C 144 -1.16 -8.61 20.11
N GLN C 145 0.09 -8.53 20.58
CA GLN C 145 1.21 -8.42 19.63
C GLN C 145 1.37 -9.68 18.78
N ILE C 146 1.05 -10.83 19.37
CA ILE C 146 1.12 -12.09 18.65
C ILE C 146 0.06 -12.10 17.55
N ILE C 147 -1.15 -11.59 17.84
CA ILE C 147 -2.21 -11.54 16.83
C ILE C 147 -1.74 -10.64 15.66
N ASP C 148 -1.12 -9.51 15.97
CA ASP C 148 -0.62 -8.60 14.94
C ASP C 148 0.39 -9.31 14.00
N MET C 149 1.34 -10.04 14.59
CA MET C 149 2.34 -10.74 13.76
C MET C 149 1.72 -11.83 12.92
N ILE C 150 0.77 -12.58 13.50
CA ILE C 150 0.11 -13.64 12.74
C ILE C 150 -0.64 -13.05 11.54
N ARG C 151 -1.33 -11.92 11.75
CA ARG C 151 -2.05 -11.26 10.65
C ARG C 151 -1.08 -10.88 9.52
N THR C 152 0.09 -10.36 9.88
CA THR C 152 1.09 -9.96 8.89
C THR C 152 1.61 -11.20 8.16
N ILE C 153 1.98 -12.23 8.91
CA ILE C 153 2.43 -13.46 8.28
C ILE C 153 1.39 -14.05 7.34
N PHE C 154 0.14 -14.10 7.79
CA PHE C 154 -0.86 -14.73 6.95
C PHE C 154 -1.09 -13.88 5.70
N ASN C 155 -1.08 -12.55 5.85
CA ASN C 155 -1.15 -11.68 4.68
C ASN C 155 0.00 -11.91 3.69
N ASN C 156 1.22 -12.08 4.21
CA ASN C 156 2.38 -12.29 3.34
C ASN C 156 2.22 -13.47 2.39
N TYR C 157 1.65 -14.56 2.89
CA TYR C 157 1.59 -15.83 2.15
C TYR C 157 0.20 -16.15 1.63
N ILE C 158 -0.71 -15.18 1.74
CA ILE C 158 -2.10 -15.36 1.30
C ILE C 158 -2.68 -16.63 1.89
N ILE C 159 -2.47 -16.79 3.19
CA ILE C 159 -2.97 -17.94 3.93
C ILE C 159 -4.46 -17.84 4.16
N LYS C 160 -5.15 -18.95 3.93
CA LYS C 160 -6.61 -18.95 4.01
C LYS C 160 -7.14 -19.38 5.38
N THR C 161 -6.24 -19.85 6.22
CA THR C 161 -6.60 -20.19 7.59
C THR C 161 -7.10 -18.92 8.25
N GLN C 162 -8.20 -19.04 9.00
CA GLN C 162 -8.78 -17.88 9.67
C GLN C 162 -8.18 -17.72 11.06
N ILE C 163 -7.87 -16.49 11.44
CA ILE C 163 -7.39 -16.19 12.78
C ILE C 163 -8.60 -16.02 13.69
N LEU C 164 -8.70 -16.89 14.69
CA LEU C 164 -9.80 -16.90 15.65
C LEU C 164 -9.22 -16.58 17.02
N VAL C 165 -9.27 -15.30 17.41
CA VAL C 165 -8.62 -14.87 18.65
C VAL C 165 -9.35 -15.43 19.85
N ALA C 166 -8.60 -16.09 20.75
CA ALA C 166 -9.24 -16.71 21.89
C ALA C 166 -8.60 -16.23 23.21
N SER C 167 -9.05 -16.78 24.34
CA SER C 167 -8.63 -16.28 25.65
C SER C 167 -8.82 -14.77 25.70
N ILE C 168 -10.00 -14.33 25.27
CA ILE C 168 -10.35 -12.91 25.33
C ILE C 168 -10.87 -12.58 26.72
N ARG C 169 -10.39 -11.47 27.28
CA ARG C 169 -10.70 -11.11 28.68
C ARG C 169 -11.42 -9.77 28.82
N ASN C 170 -11.34 -8.93 27.80
CA ASN C 170 -11.89 -7.59 27.94
C ASN C 170 -12.23 -7.00 26.56
N PRO C 171 -12.95 -5.87 26.53
CA PRO C 171 -13.37 -5.30 25.25
C PRO C 171 -12.25 -4.67 24.43
N ILE C 172 -11.08 -4.47 25.02
CA ILE C 172 -9.96 -3.93 24.26
C ILE C 172 -9.25 -5.02 23.46
N HIS C 173 -9.23 -6.26 23.97
CA HIS C 173 -8.83 -7.39 23.15
C HIS C 173 -9.67 -7.42 21.87
N VAL C 174 -10.97 -7.19 22.03
CA VAL C 174 -11.88 -7.17 20.88
C VAL C 174 -11.60 -6.00 19.93
N LEU C 175 -11.50 -4.80 20.48
CA LEU C 175 -11.19 -3.64 19.66
C LEU C 175 -9.88 -3.80 18.89
N ARG C 176 -8.82 -4.22 19.59
CA ARG C 176 -7.52 -4.37 18.94
C ARG C 176 -7.56 -5.48 17.87
N SER C 177 -8.29 -6.56 18.13
CA SER C 177 -8.44 -7.62 17.13
C SER C 177 -9.07 -7.08 15.85
N ALA C 178 -10.06 -6.22 16.00
CA ALA C 178 -10.76 -5.66 14.83
C ALA C 178 -9.88 -4.70 14.05
N VAL C 179 -9.08 -3.91 14.77
CA VAL C 179 -8.21 -2.95 14.12
C VAL C 179 -7.08 -3.66 13.38
N ILE C 180 -6.58 -4.74 13.99
CA ILE C 180 -5.58 -5.58 13.33
C ILE C 180 -6.17 -6.28 12.10
N GLY C 181 -7.42 -6.73 12.24
CA GLY C 181 -8.07 -7.45 11.16
C GLY C 181 -8.14 -8.96 11.34
N ALA C 182 -8.20 -9.43 12.58
CA ALA C 182 -8.42 -10.85 12.85
C ALA C 182 -9.75 -11.28 12.25
N ASP C 183 -9.81 -12.51 11.76
CA ASP C 183 -11.05 -13.00 11.15
C ASP C 183 -12.23 -13.15 12.11
N VAL C 184 -11.93 -13.58 13.34
CA VAL C 184 -12.95 -13.97 14.31
C VAL C 184 -12.39 -13.67 15.69
N VAL C 185 -13.26 -13.27 16.60
CA VAL C 185 -12.96 -13.29 18.02
C VAL C 185 -13.94 -14.23 18.70
N THR C 186 -13.48 -15.00 19.67
CA THR C 186 -14.45 -15.70 20.51
C THR C 186 -14.40 -15.11 21.91
N VAL C 187 -15.57 -14.78 22.48
CA VAL C 187 -15.60 -14.00 23.72
C VAL C 187 -16.49 -14.64 24.76
N PRO C 188 -16.13 -14.53 26.04
CA PRO C 188 -17.04 -14.97 27.09
C PRO C 188 -18.31 -14.11 27.08
N PHE C 189 -19.39 -14.65 27.65
CA PHE C 189 -20.67 -13.96 27.63
C PHE C 189 -20.57 -12.58 28.27
N ASN C 190 -19.84 -12.47 29.37
CA ASN C 190 -19.77 -11.21 30.09
C ASN C 190 -19.12 -10.12 29.22
N VAL C 191 -18.11 -10.51 28.47
CA VAL C 191 -17.49 -9.59 27.52
C VAL C 191 -18.48 -9.26 26.39
N LEU C 192 -19.11 -10.28 25.82
CA LEU C 192 -20.11 -10.06 24.78
C LEU C 192 -21.12 -8.96 25.18
N LYS C 193 -21.70 -9.10 26.36
CA LYS C 193 -22.71 -8.14 26.83
C LYS C 193 -22.15 -6.72 26.86
N SER C 194 -20.90 -6.58 27.26
CA SER C 194 -20.38 -5.25 27.50
C SER C 194 -20.19 -4.52 26.16
N LEU C 195 -20.04 -5.29 25.08
CA LEU C 195 -19.74 -4.69 23.77
C LEU C 195 -20.80 -3.75 23.21
N MET C 196 -22.06 -3.97 23.55
CA MET C 196 -23.13 -3.12 23.04
C MET C 196 -23.27 -1.80 23.81
N LYS C 197 -22.62 -1.71 24.97
CA LYS C 197 -22.94 -0.68 25.95
C LYS C 197 -21.97 0.51 25.97
N HIS C 198 -22.51 1.68 26.28
CA HIS C 198 -21.72 2.88 26.54
C HIS C 198 -22.52 3.91 27.34
N PRO C 199 -21.89 4.56 28.33
CA PRO C 199 -22.71 5.45 29.16
C PRO C 199 -23.32 6.61 28.37
N LYS C 200 -22.67 7.05 27.29
CA LYS C 200 -23.21 8.15 26.49
C LYS C 200 -24.40 7.68 25.62
N THR C 201 -24.45 6.39 25.31
CA THR C 201 -25.64 5.87 24.62
C THR C 201 -26.84 5.97 25.56
N ASP C 202 -26.67 5.48 26.78
CA ASP C 202 -27.76 5.52 27.78
C ASP C 202 -28.18 6.97 28.03
N GLU C 203 -27.19 7.83 28.18
CA GLU C 203 -27.45 9.23 28.48
C GLU C 203 -28.19 9.95 27.34
N GLY C 204 -27.77 9.69 26.11
CA GLY C 204 -28.43 10.23 24.93
C GLY C 204 -29.85 9.75 24.75
N LEU C 205 -30.09 8.47 25.05
CA LEU C 205 -31.45 7.94 25.03
C LEU C 205 -32.36 8.64 26.03
N ALA C 206 -31.87 8.82 27.26
CA ALA C 206 -32.68 9.46 28.29
C ALA C 206 -33.07 10.86 27.88
N LYS C 207 -32.14 11.55 27.23
CA LYS C 207 -32.35 12.94 26.85
C LYS C 207 -33.33 13.03 25.70
N PHE C 208 -33.17 12.18 24.69
CA PHE C 208 -34.17 12.12 23.61
C PHE C 208 -35.58 11.88 24.14
N LEU C 209 -35.70 10.99 25.13
CA LEU C 209 -37.01 10.69 25.73
C LEU C 209 -37.58 11.94 26.41
N GLU C 210 -36.77 12.57 27.25
CA GLU C 210 -37.21 13.77 27.94
C GLU C 210 -37.63 14.87 26.98
N ASP C 211 -36.85 15.10 25.92
CA ASP C 211 -37.14 16.15 24.97
C ASP C 211 -38.41 15.85 24.17
N TRP C 212 -38.61 14.57 23.84
CA TRP C 212 -39.77 14.18 23.05
C TRP C 212 -41.07 14.32 23.86
N LYS C 213 -40.98 14.16 25.18
CA LYS C 213 -42.16 14.31 26.04
C LYS C 213 -42.79 15.68 25.87
N LYS C 214 -41.93 16.68 25.66
CA LYS C 214 -42.37 18.06 25.51
C LYS C 214 -43.33 18.22 24.33
N VAL C 215 -43.21 17.34 23.34
CA VAL C 215 -43.98 17.44 22.12
C VAL C 215 -44.95 16.27 22.01
N SER C 216 -44.83 15.33 22.94
CA SER C 216 -45.68 14.15 22.95
C SER C 216 -45.66 13.52 24.33
N PRO C 217 -46.63 13.90 25.17
CA PRO C 217 -46.72 13.48 26.57
C PRO C 217 -46.65 11.96 26.74
N ASP C 218 -47.22 11.22 25.79
CA ASP C 218 -47.28 9.76 25.90
C ASP C 218 -46.03 9.09 25.37
N GLY C 219 -45.13 9.87 24.78
CA GLY C 219 -43.86 9.36 24.31
C GLY C 219 -43.94 8.43 23.11
N LYS C 220 -44.96 8.61 22.27
CA LYS C 220 -45.10 7.81 21.05
C LYS C 220 -44.75 8.62 19.81
N LEU C 221 -44.42 7.91 18.73
CA LEU C 221 -44.22 8.53 17.42
C LEU C 221 -45.36 8.09 16.52
N ILE C 222 -46.34 8.98 16.34
CA ILE C 222 -47.53 8.64 15.57
C ILE C 222 -47.45 9.22 14.15
N LEU C 223 -47.29 8.34 13.17
CA LEU C 223 -47.16 8.74 11.78
C LEU C 223 -48.23 8.08 10.93
N MET D 1 5.07 -19.85 3.99
CA MET D 1 6.52 -20.04 4.05
C MET D 1 6.85 -21.52 4.11
N LYS D 2 7.68 -22.01 3.17
CA LYS D 2 8.14 -23.38 3.23
C LYS D 2 9.21 -23.56 4.30
N ILE D 3 9.26 -24.76 4.86
CA ILE D 3 10.26 -25.05 5.88
C ILE D 3 11.05 -26.28 5.46
N PHE D 4 12.35 -26.10 5.23
CA PHE D 4 13.22 -27.20 4.84
C PHE D 4 14.10 -27.59 6.03
N LEU D 5 14.60 -28.83 6.01
N LEU D 5 14.61 -28.82 6.02
CA LEU D 5 15.59 -29.29 6.97
CA LEU D 5 15.55 -29.27 7.05
C LEU D 5 17.00 -29.07 6.44
C LEU D 5 16.98 -29.18 6.52
N ASP D 6 17.87 -28.52 7.28
CA ASP D 6 19.24 -28.26 6.87
C ASP D 6 20.19 -29.27 7.50
N THR D 7 20.30 -30.45 6.90
CA THR D 7 21.07 -31.55 7.49
C THR D 7 21.26 -32.65 6.43
N ALA D 8 22.23 -33.52 6.67
CA ALA D 8 22.42 -34.70 5.84
C ALA D 8 22.22 -35.97 6.69
N ASN D 9 21.79 -35.77 7.93
CA ASN D 9 21.51 -36.87 8.85
C ASN D 9 20.18 -37.57 8.51
N ILE D 10 20.25 -38.82 8.05
CA ILE D 10 19.09 -39.55 7.60
C ILE D 10 18.06 -39.72 8.71
N ASP D 11 18.54 -40.01 9.92
CA ASP D 11 17.64 -40.17 11.05
C ASP D 11 16.83 -38.89 11.32
N GLU D 12 17.49 -37.73 11.27
CA GLU D 12 16.80 -36.46 11.51
C GLU D 12 15.78 -36.22 10.40
N ILE D 13 16.18 -36.51 9.17
CA ILE D 13 15.31 -36.30 8.02
C ILE D 13 14.08 -37.22 8.06
N ARG D 14 14.31 -38.51 8.31
CA ARG D 14 13.20 -39.46 8.43
C ARG D 14 12.24 -39.00 9.53
N THR D 15 12.80 -38.58 10.66
CA THR D 15 11.97 -38.10 11.76
C THR D 15 11.16 -36.85 11.40
N GLY D 16 11.82 -35.84 10.85
CA GLY D 16 11.13 -34.61 10.51
C GLY D 16 10.08 -34.83 9.44
N VAL D 17 10.39 -35.70 8.50
CA VAL D 17 9.48 -35.98 7.40
C VAL D 17 8.21 -36.62 7.95
N ASN D 18 8.40 -37.64 8.79
CA ASN D 18 7.29 -38.32 9.45
C ASN D 18 6.46 -37.41 10.36
N TRP D 19 7.03 -36.27 10.77
CA TRP D 19 6.25 -35.31 11.56
C TRP D 19 5.29 -34.54 10.68
N GLY D 20 5.56 -34.53 9.37
CA GLY D 20 4.69 -33.86 8.42
C GLY D 20 4.99 -32.38 8.20
N ILE D 21 6.04 -31.87 8.84
CA ILE D 21 6.32 -30.44 8.79
C ILE D 21 7.54 -30.05 7.96
N VAL D 22 8.14 -31.02 7.26
CA VAL D 22 9.32 -30.77 6.43
C VAL D 22 8.98 -30.77 4.94
N ASP D 23 9.24 -29.65 4.27
CA ASP D 23 8.86 -29.45 2.89
C ASP D 23 10.00 -29.73 1.91
N GLY D 24 11.20 -29.95 2.43
CA GLY D 24 12.37 -30.18 1.62
C GLY D 24 13.63 -30.23 2.48
N VAL D 25 14.79 -30.42 1.86
CA VAL D 25 16.05 -30.56 2.58
C VAL D 25 17.17 -29.80 1.86
N THR D 26 18.04 -29.17 2.65
CA THR D 26 19.26 -28.60 2.07
C THR D 26 20.46 -29.31 2.67
N THR D 27 21.44 -29.62 1.82
CA THR D 27 22.71 -30.14 2.27
C THR D 27 23.86 -29.26 1.76
N ASN D 28 25.06 -29.54 2.25
CA ASN D 28 26.27 -28.89 1.75
C ASN D 28 27.44 -29.82 2.04
N PRO D 29 28.63 -29.50 1.51
CA PRO D 29 29.73 -30.46 1.63
C PRO D 29 30.13 -30.75 3.07
N THR D 30 29.98 -29.77 3.97
CA THR D 30 30.29 -29.97 5.38
C THR D 30 29.29 -30.96 6.01
N LEU D 31 28.01 -30.70 5.80
CA LEU D 31 26.97 -31.57 6.35
C LEU D 31 27.10 -33.01 5.84
N ILE D 32 27.41 -33.17 4.57
CA ILE D 32 27.51 -34.52 4.01
C ILE D 32 28.75 -35.26 4.54
N SER D 33 29.86 -34.53 4.64
CA SER D 33 31.11 -35.12 5.10
C SER D 33 31.02 -35.54 6.56
N LYS D 34 30.18 -34.84 7.33
CA LYS D 34 29.91 -35.22 8.70
C LYS D 34 29.32 -36.63 8.76
N GLU D 35 28.42 -36.93 7.84
CA GLU D 35 27.64 -38.16 7.85
C GLU D 35 28.36 -39.33 7.17
N ALA D 36 29.25 -39.02 6.24
CA ALA D 36 29.93 -40.06 5.47
C ALA D 36 31.11 -40.60 6.25
N VAL D 37 30.81 -41.26 7.37
CA VAL D 37 31.85 -41.86 8.20
C VAL D 37 31.49 -43.31 8.56
N ASN D 38 32.43 -44.02 9.17
CA ASN D 38 32.19 -45.41 9.51
C ASN D 38 31.68 -46.19 8.31
N GLY D 39 32.27 -45.91 7.14
CA GLY D 39 31.99 -46.66 5.93
C GLY D 39 30.83 -46.16 5.08
N LYS D 40 30.07 -45.21 5.59
CA LYS D 40 28.97 -44.64 4.81
C LYS D 40 29.54 -43.81 3.66
N LYS D 41 28.96 -43.98 2.47
CA LYS D 41 29.46 -43.30 1.28
C LYS D 41 28.57 -42.12 0.88
N TYR D 42 29.18 -41.03 0.45
CA TYR D 42 28.41 -39.81 0.19
C TYR D 42 27.37 -40.05 -0.90
N GLY D 43 27.70 -40.89 -1.86
CA GLY D 43 26.78 -41.20 -2.95
C GLY D 43 25.51 -41.88 -2.46
N ASP D 44 25.65 -42.76 -1.47
CA ASP D 44 24.49 -43.46 -0.92
C ASP D 44 23.65 -42.51 -0.06
N ILE D 45 24.33 -41.67 0.70
CA ILE D 45 23.63 -40.69 1.55
C ILE D 45 22.73 -39.81 0.70
N ILE D 46 23.28 -39.26 -0.38
CA ILE D 46 22.52 -38.38 -1.25
C ILE D 46 21.31 -39.08 -1.86
N ARG D 47 21.50 -40.27 -2.40
CA ARG D 47 20.40 -40.96 -3.07
C ARG D 47 19.31 -41.31 -2.07
N GLU D 48 19.73 -41.63 -0.84
CA GLU D 48 18.80 -42.01 0.21
C GLU D 48 17.93 -40.82 0.60
N ILE D 49 18.53 -39.63 0.66
CA ILE D 49 17.77 -38.44 1.00
C ILE D 49 16.77 -38.12 -0.11
N LEU D 50 17.21 -38.22 -1.36
CA LEU D 50 16.33 -37.95 -2.50
C LEU D 50 15.10 -38.85 -2.43
N LYS D 51 15.32 -40.11 -2.06
CA LYS D 51 14.24 -41.10 -1.94
C LYS D 51 13.23 -40.79 -0.83
N ILE D 52 13.73 -40.38 0.33
CA ILE D 52 12.89 -40.13 1.50
C ILE D 52 12.08 -38.83 1.37
N VAL D 53 12.67 -37.83 0.72
CA VAL D 53 12.10 -36.49 0.68
C VAL D 53 11.33 -36.23 -0.62
N ASP D 54 10.03 -35.99 -0.50
CA ASP D 54 9.23 -35.73 -1.70
C ASP D 54 9.52 -34.35 -2.29
N GLY D 55 9.89 -33.41 -1.43
CA GLY D 55 10.14 -32.05 -1.87
C GLY D 55 11.56 -31.83 -2.38
N PRO D 56 11.92 -30.56 -2.63
CA PRO D 56 13.26 -30.19 -3.13
C PRO D 56 14.37 -30.64 -2.18
N VAL D 57 15.44 -31.16 -2.77
CA VAL D 57 16.64 -31.51 -2.04
C VAL D 57 17.82 -30.85 -2.73
N SER D 58 18.43 -29.90 -2.04
N SER D 58 18.46 -29.94 -2.01
CA SER D 58 19.59 -29.20 -2.57
CA SER D 58 19.56 -29.16 -2.57
C SER D 58 20.85 -29.97 -2.30
C SER D 58 20.91 -29.83 -2.28
N VAL D 59 21.67 -30.12 -3.33
CA VAL D 59 22.94 -30.83 -3.22
C VAL D 59 24.01 -29.97 -3.89
N GLU D 60 25.10 -29.69 -3.17
CA GLU D 60 26.12 -28.74 -3.63
C GLU D 60 27.23 -29.34 -4.50
N VAL D 61 27.54 -28.67 -5.62
CA VAL D 61 28.70 -29.02 -6.43
C VAL D 61 29.98 -28.77 -5.64
N VAL D 62 31.03 -29.51 -5.96
CA VAL D 62 32.31 -29.30 -5.30
C VAL D 62 33.34 -28.63 -6.22
N SER D 63 33.16 -28.75 -7.54
CA SER D 63 34.08 -28.05 -8.45
C SER D 63 34.00 -26.54 -8.25
N THR D 64 35.09 -25.84 -8.57
CA THR D 64 35.17 -24.39 -8.47
C THR D 64 35.15 -23.73 -9.84
N LYS D 65 35.22 -24.55 -10.89
CA LYS D 65 35.30 -24.06 -12.25
C LYS D 65 34.00 -24.31 -12.97
N TYR D 66 33.64 -23.40 -13.86
CA TYR D 66 32.41 -23.50 -14.63
C TYR D 66 32.17 -24.90 -15.22
N GLU D 67 33.14 -25.43 -15.97
CA GLU D 67 32.89 -26.68 -16.67
C GLU D 67 32.59 -27.83 -15.71
N GLY D 68 33.38 -27.92 -14.65
CA GLY D 68 33.13 -28.93 -13.63
C GLY D 68 31.79 -28.77 -12.92
N MET D 69 31.39 -27.53 -12.66
CA MET D 69 30.14 -27.27 -11.96
C MET D 69 28.95 -27.72 -12.80
N VAL D 70 29.00 -27.40 -14.08
N VAL D 70 28.96 -27.40 -14.08
CA VAL D 70 27.93 -27.81 -14.98
CA VAL D 70 27.84 -27.84 -14.93
C VAL D 70 27.87 -29.33 -15.12
C VAL D 70 27.86 -29.36 -15.16
N GLU D 71 29.03 -29.97 -15.23
CA GLU D 71 29.10 -31.43 -15.31
C GLU D 71 28.50 -32.10 -14.07
N GLU D 72 28.92 -31.64 -12.89
CA GLU D 72 28.39 -32.17 -11.64
C GLU D 72 26.91 -31.89 -11.50
N ALA D 73 26.49 -30.71 -11.93
CA ALA D 73 25.10 -30.31 -11.83
C ALA D 73 24.21 -31.24 -12.63
N ARG D 74 24.63 -31.54 -13.85
CA ARG D 74 23.85 -32.43 -14.69
C ARG D 74 23.77 -33.82 -14.08
N LYS D 75 24.85 -34.25 -13.43
CA LYS D 75 24.82 -35.54 -12.75
C LYS D 75 23.88 -35.52 -11.53
N ILE D 76 23.90 -34.42 -10.77
CA ILE D 76 23.00 -34.27 -9.63
C ILE D 76 21.55 -34.30 -10.12
N HIS D 77 21.27 -33.53 -11.17
CA HIS D 77 19.96 -33.50 -11.80
C HIS D 77 19.48 -34.89 -12.17
N GLY D 78 20.41 -35.73 -12.62
CA GLY D 78 20.08 -37.05 -13.12
C GLY D 78 19.68 -38.00 -12.02
N LEU D 79 19.86 -37.59 -10.76
CA LEU D 79 19.57 -38.45 -9.63
C LEU D 79 18.09 -38.49 -9.24
N GLY D 80 17.33 -37.49 -9.68
CA GLY D 80 15.92 -37.42 -9.31
C GLY D 80 15.35 -36.07 -9.66
N ASP D 81 14.06 -36.04 -10.01
CA ASP D 81 13.42 -34.82 -10.43
C ASP D 81 13.36 -33.78 -9.30
N ASN D 82 13.46 -34.26 -8.05
CA ASN D 82 13.44 -33.33 -6.90
C ASN D 82 14.81 -32.74 -6.51
N ALA D 83 15.87 -33.16 -7.22
CA ALA D 83 17.19 -32.59 -6.93
C ALA D 83 17.31 -31.12 -7.35
N VAL D 84 17.96 -30.34 -6.50
CA VAL D 84 18.23 -28.92 -6.77
C VAL D 84 19.73 -28.74 -6.62
N VAL D 85 20.36 -28.02 -7.56
CA VAL D 85 21.82 -27.98 -7.55
C VAL D 85 22.31 -26.72 -6.84
N LYS D 86 23.10 -26.89 -5.78
CA LYS D 86 23.54 -25.75 -4.98
C LYS D 86 24.87 -25.31 -5.56
N ILE D 87 24.96 -24.02 -5.87
CA ILE D 87 26.12 -23.44 -6.56
C ILE D 87 26.51 -22.17 -5.80
N PRO D 88 27.81 -21.97 -5.54
CA PRO D 88 28.22 -20.82 -4.73
C PRO D 88 28.21 -19.51 -5.53
N MET D 89 28.12 -18.39 -4.80
CA MET D 89 28.15 -17.06 -5.40
C MET D 89 29.59 -16.73 -5.79
N THR D 90 29.97 -17.15 -6.99
CA THR D 90 31.26 -16.80 -7.58
C THR D 90 31.05 -16.53 -9.07
N GLU D 91 32.06 -15.96 -9.71
CA GLU D 91 31.99 -15.70 -11.15
C GLU D 91 31.62 -16.95 -11.93
N ASP D 92 32.33 -18.05 -11.67
N ASP D 92 32.35 -18.04 -11.67
CA ASP D 92 32.03 -19.30 -12.35
CA ASP D 92 32.05 -19.32 -12.32
C ASP D 92 30.68 -19.88 -11.91
C ASP D 92 30.65 -19.78 -11.94
N GLY D 93 30.29 -19.61 -10.67
CA GLY D 93 28.99 -20.02 -10.20
C GLY D 93 27.84 -19.35 -10.93
N LEU D 94 27.94 -18.04 -11.14
CA LEU D 94 26.89 -17.33 -11.85
C LEU D 94 26.80 -17.80 -13.29
N ARG D 95 27.96 -18.00 -13.94
CA ARG D 95 27.94 -18.51 -15.32
C ARG D 95 27.23 -19.86 -15.34
N ALA D 96 27.55 -20.71 -14.37
CA ALA D 96 26.93 -22.03 -14.28
C ALA D 96 25.43 -21.94 -14.08
N ILE D 97 25.01 -21.08 -13.17
CA ILE D 97 23.58 -20.87 -12.95
C ILE D 97 22.84 -20.47 -14.24
N LYS D 98 23.42 -19.54 -14.99
CA LYS D 98 22.78 -19.07 -16.19
C LYS D 98 22.61 -20.22 -17.18
N THR D 99 23.67 -21.01 -17.35
CA THR D 99 23.60 -22.16 -18.25
C THR D 99 22.56 -23.19 -17.79
N LEU D 100 22.61 -23.55 -16.51
CA LEU D 100 21.69 -24.56 -15.99
C LEU D 100 20.22 -24.10 -16.03
N SER D 101 20.00 -22.83 -15.75
CA SER D 101 18.64 -22.29 -15.77
C SER D 101 18.03 -22.47 -17.16
N SER D 102 18.82 -22.22 -18.19
CA SER D 102 18.37 -22.39 -19.59
C SER D 102 18.10 -23.85 -19.92
N GLU D 103 18.73 -24.73 -19.15
CA GLU D 103 18.55 -26.18 -19.34
C GLU D 103 17.43 -26.72 -18.47
N HIS D 104 16.74 -25.82 -17.78
CA HIS D 104 15.64 -26.17 -16.88
C HIS D 104 16.08 -27.10 -15.77
N ILE D 105 17.27 -26.85 -15.26
CA ILE D 105 17.78 -27.55 -14.09
C ILE D 105 17.67 -26.56 -12.92
N ASN D 106 16.94 -26.95 -11.88
CA ASN D 106 16.73 -26.06 -10.71
C ASN D 106 18.01 -25.84 -9.92
N THR D 107 18.18 -24.62 -9.45
CA THR D 107 19.44 -24.20 -8.85
C THR D 107 19.23 -23.42 -7.55
N ASN D 108 20.24 -23.45 -6.69
CA ASN D 108 20.19 -22.76 -5.40
C ASN D 108 21.54 -22.08 -5.21
N CYS D 109 21.57 -20.75 -5.22
CA CYS D 109 22.82 -20.02 -5.05
C CYS D 109 23.13 -19.85 -3.57
N THR D 110 24.31 -20.30 -3.15
CA THR D 110 24.62 -20.32 -1.72
C THR D 110 25.79 -19.37 -1.40
N LEU D 111 26.08 -19.22 -0.12
CA LEU D 111 27.19 -18.36 0.36
C LEU D 111 26.96 -16.90 -0.05
N VAL D 112 25.72 -16.46 0.15
CA VAL D 112 25.30 -15.09 -0.13
C VAL D 112 25.26 -14.33 1.20
N PHE D 113 25.90 -13.15 1.24
CA PHE D 113 26.04 -12.41 2.50
C PHE D 113 25.59 -10.95 2.43
N ASN D 114 25.08 -10.51 1.28
CA ASN D 114 24.52 -9.17 1.18
C ASN D 114 23.44 -9.13 0.10
N PRO D 115 22.66 -8.03 0.04
CA PRO D 115 21.51 -8.09 -0.89
C PRO D 115 21.91 -7.99 -2.37
N ILE D 116 23.04 -7.36 -2.68
CA ILE D 116 23.43 -7.25 -4.08
C ILE D 116 23.95 -8.58 -4.63
N GLN D 117 24.68 -9.37 -3.84
CA GLN D 117 24.98 -10.73 -4.22
C GLN D 117 23.69 -11.50 -4.55
N ALA D 118 22.66 -11.33 -3.72
CA ALA D 118 21.39 -12.04 -3.94
C ALA D 118 20.74 -11.58 -5.25
N LEU D 119 20.79 -10.29 -5.52
CA LEU D 119 20.26 -9.76 -6.78
C LEU D 119 20.99 -10.34 -8.00
N LEU D 120 22.33 -10.45 -7.93
CA LEU D 120 23.11 -11.00 -9.05
C LEU D 120 22.70 -12.46 -9.31
N ALA D 121 22.49 -13.22 -8.25
CA ALA D 121 22.07 -14.63 -8.40
C ALA D 121 20.71 -14.67 -9.06
N ALA D 122 19.81 -13.79 -8.65
CA ALA D 122 18.49 -13.73 -9.29
C ALA D 122 18.60 -13.40 -10.79
N LYS D 123 19.46 -12.45 -11.12
CA LYS D 123 19.64 -12.01 -12.50
C LYS D 123 20.20 -13.13 -13.38
N ALA D 124 20.94 -14.05 -12.76
CA ALA D 124 21.44 -15.20 -13.50
C ALA D 124 20.36 -16.28 -13.70
N GLY D 125 19.19 -16.10 -13.07
CA GLY D 125 18.07 -17.01 -13.25
C GLY D 125 17.92 -18.10 -12.18
N VAL D 126 18.55 -17.90 -11.04
CA VAL D 126 18.59 -18.98 -10.05
C VAL D 126 17.20 -19.25 -9.46
N THR D 127 16.94 -20.51 -9.14
CA THR D 127 15.64 -20.87 -8.57
C THR D 127 15.49 -20.36 -7.15
N TYR D 128 16.54 -20.54 -6.35
CA TYR D 128 16.56 -20.14 -4.93
C TYR D 128 17.85 -19.43 -4.66
N VAL D 129 17.78 -18.43 -3.79
CA VAL D 129 19.00 -17.77 -3.30
C VAL D 129 19.03 -17.95 -1.78
N SER D 130 20.20 -18.31 -1.24
CA SER D 130 20.32 -18.57 0.19
C SER D 130 21.30 -17.64 0.90
N PRO D 131 20.80 -16.49 1.38
CA PRO D 131 21.58 -15.62 2.28
C PRO D 131 21.80 -16.32 3.61
N PHE D 132 22.95 -16.09 4.22
CA PHE D 132 23.32 -16.79 5.47
C PHE D 132 23.15 -15.83 6.65
N VAL D 133 22.16 -16.05 7.52
N VAL D 133 22.15 -16.07 7.50
CA VAL D 133 21.97 -15.10 8.62
CA VAL D 133 21.89 -15.19 8.64
C VAL D 133 22.87 -15.33 9.85
C VAL D 133 22.92 -15.36 9.76
N GLY D 134 23.06 -16.59 10.23
CA GLY D 134 23.86 -16.90 11.42
C GLY D 134 25.32 -16.49 11.30
N ARG D 135 25.90 -16.65 10.11
CA ARG D 135 27.32 -16.32 9.92
C ARG D 135 27.55 -14.80 9.88
N LEU D 136 26.52 -14.05 9.51
CA LEU D 136 26.55 -12.60 9.72
C LEU D 136 26.44 -12.27 11.21
N ASP D 137 25.51 -12.92 11.91
CA ASP D 137 25.38 -12.69 13.34
C ASP D 137 26.74 -12.94 14.01
N ASP D 138 27.43 -14.00 13.55
CA ASP D 138 28.75 -14.36 14.09
C ASP D 138 29.71 -13.19 14.06
N ILE D 139 29.62 -12.38 13.00
CA ILE D 139 30.59 -11.29 12.83
C ILE D 139 30.02 -9.92 13.20
N GLY D 140 28.94 -9.92 13.98
CA GLY D 140 28.50 -8.70 14.63
C GLY D 140 27.59 -7.82 13.80
N GLU D 141 26.99 -8.40 12.76
CA GLU D 141 25.96 -7.74 11.96
C GLU D 141 24.65 -8.54 12.06
N ASP D 142 23.51 -7.87 12.26
CA ASP D 142 22.25 -8.61 12.36
C ASP D 142 21.87 -9.14 10.98
N GLY D 143 22.01 -10.45 10.77
CA GLY D 143 21.84 -11.02 9.46
C GLY D 143 20.42 -10.89 8.92
N MET D 144 19.45 -10.74 9.82
CA MET D 144 18.06 -10.62 9.35
C MET D 144 17.82 -9.35 8.55
N GLN D 145 18.63 -8.32 8.77
N GLN D 145 18.63 -8.32 8.76
CA GLN D 145 18.49 -7.07 8.03
CA GLN D 145 18.46 -7.07 8.02
C GLN D 145 18.66 -7.34 6.55
C GLN D 145 18.73 -7.28 6.53
N ILE D 146 19.61 -8.21 6.21
CA ILE D 146 19.88 -8.53 4.81
C ILE D 146 18.67 -9.24 4.18
N ILE D 147 17.98 -10.10 4.94
CA ILE D 147 16.79 -10.77 4.41
C ILE D 147 15.72 -9.72 4.09
N ASP D 148 15.57 -8.74 4.98
CA ASP D 148 14.57 -7.70 4.79
C ASP D 148 14.86 -6.89 3.52
N MET D 149 16.11 -6.51 3.32
CA MET D 149 16.45 -5.77 2.10
C MET D 149 16.23 -6.62 0.84
N ILE D 150 16.59 -7.90 0.89
CA ILE D 150 16.41 -8.76 -0.28
C ILE D 150 14.92 -8.86 -0.62
N ARG D 151 14.08 -8.99 0.41
CA ARG D 151 12.63 -9.10 0.15
C ARG D 151 12.12 -7.85 -0.54
N THR D 152 12.55 -6.70 -0.06
CA THR D 152 12.18 -5.41 -0.68
C THR D 152 12.66 -5.29 -2.13
N ILE D 153 13.93 -5.64 -2.38
CA ILE D 153 14.45 -5.60 -3.74
C ILE D 153 13.69 -6.54 -4.66
N PHE D 154 13.44 -7.75 -4.19
CA PHE D 154 12.77 -8.73 -5.03
C PHE D 154 11.34 -8.27 -5.31
N ASN D 155 10.70 -7.69 -4.30
CA ASN D 155 9.36 -7.15 -4.54
C ASN D 155 9.37 -6.04 -5.59
N ASN D 156 10.33 -5.12 -5.48
CA ASN D 156 10.45 -4.02 -6.42
C ASN D 156 10.44 -4.48 -7.87
N TYR D 157 11.15 -5.57 -8.14
CA TYR D 157 11.39 -5.96 -9.53
C TYR D 157 10.60 -7.21 -9.92
N ILE D 158 9.65 -7.61 -9.05
CA ILE D 158 8.82 -8.80 -9.23
C ILE D 158 9.69 -9.99 -9.59
N ILE D 159 10.78 -10.14 -8.83
CA ILE D 159 11.70 -11.25 -9.04
C ILE D 159 11.11 -12.59 -8.60
N LYS D 160 11.27 -13.60 -9.44
CA LYS D 160 10.69 -14.92 -9.18
C LYS D 160 11.59 -15.87 -8.40
N THR D 161 12.88 -15.57 -8.34
CA THR D 161 13.79 -16.31 -7.46
C THR D 161 13.22 -16.32 -6.05
N GLN D 162 13.23 -17.48 -5.40
CA GLN D 162 12.73 -17.60 -4.03
C GLN D 162 13.83 -17.32 -3.02
N ILE D 163 13.51 -16.60 -1.95
CA ILE D 163 14.46 -16.36 -0.89
C ILE D 163 14.43 -17.57 0.07
N LEU D 164 15.57 -18.23 0.20
CA LEU D 164 15.69 -19.45 1.01
C LEU D 164 16.68 -19.13 2.15
N VAL D 165 16.14 -18.69 3.27
CA VAL D 165 17.00 -18.25 4.38
C VAL D 165 17.79 -19.41 4.95
N ALA D 166 19.11 -19.25 5.07
CA ALA D 166 19.96 -20.35 5.54
C ALA D 166 20.85 -19.86 6.70
N SER D 167 21.71 -20.74 7.20
CA SER D 167 22.48 -20.44 8.42
C SER D 167 21.51 -19.96 9.52
N ILE D 168 20.41 -20.68 9.67
CA ILE D 168 19.45 -20.36 10.72
C ILE D 168 19.90 -20.98 12.02
N ARG D 169 19.83 -20.20 13.10
CA ARG D 169 20.39 -20.63 14.38
C ARG D 169 19.36 -20.74 15.51
N ASN D 170 18.21 -20.08 15.35
CA ASN D 170 17.25 -20.03 16.45
C ASN D 170 15.85 -19.75 15.93
N PRO D 171 14.82 -19.91 16.79
CA PRO D 171 13.43 -19.74 16.30
C PRO D 171 13.02 -18.31 15.99
N ILE D 172 13.83 -17.32 16.38
CA ILE D 172 13.53 -15.92 16.05
C ILE D 172 14.05 -15.57 14.65
N HIS D 173 15.11 -16.20 14.18
CA HIS D 173 15.44 -16.14 12.74
C HIS D 173 14.21 -16.60 11.93
N VAL D 174 13.58 -17.67 12.39
CA VAL D 174 12.41 -18.21 11.71
C VAL D 174 11.21 -17.25 11.79
N LEU D 175 10.91 -16.78 13.01
CA LEU D 175 9.84 -15.79 13.17
C LEU D 175 10.05 -14.55 12.28
N ARG D 176 11.24 -13.95 12.36
CA ARG D 176 11.48 -12.73 11.59
C ARG D 176 11.39 -13.00 10.09
N SER D 177 11.86 -14.17 9.66
CA SER D 177 11.77 -14.54 8.24
C SER D 177 10.32 -14.57 7.78
N ALA D 178 9.44 -15.09 8.63
CA ALA D 178 8.02 -15.15 8.25
C ALA D 178 7.36 -13.77 8.23
N VAL D 179 7.71 -12.92 9.19
CA VAL D 179 7.16 -11.58 9.24
C VAL D 179 7.64 -10.76 8.03
N ILE D 180 8.91 -10.93 7.66
CA ILE D 180 9.44 -10.26 6.44
C ILE D 180 8.77 -10.80 5.19
N GLY D 181 8.53 -12.11 5.18
CA GLY D 181 7.90 -12.79 4.05
C GLY D 181 8.86 -13.55 3.16
N ALA D 182 9.93 -14.08 3.74
CA ALA D 182 10.84 -14.93 2.98
C ALA D 182 10.09 -16.17 2.46
N ASP D 183 10.47 -16.66 1.28
CA ASP D 183 9.75 -17.80 0.71
C ASP D 183 9.97 -19.12 1.44
N VAL D 184 11.20 -19.33 1.91
CA VAL D 184 11.59 -20.60 2.53
C VAL D 184 12.59 -20.33 3.65
N VAL D 185 12.53 -21.10 4.72
CA VAL D 185 13.65 -21.16 5.67
C VAL D 185 14.16 -22.59 5.65
N THR D 186 15.47 -22.76 5.81
CA THR D 186 15.98 -24.10 6.05
C THR D 186 16.65 -24.12 7.43
N VAL D 187 16.30 -25.12 8.24
CA VAL D 187 16.63 -25.04 9.66
C VAL D 187 17.28 -26.33 10.15
N PRO D 188 18.23 -26.20 11.10
CA PRO D 188 18.81 -27.42 11.67
C PRO D 188 17.74 -28.13 12.49
N PHE D 189 17.95 -29.42 12.72
CA PHE D 189 16.95 -30.24 13.36
C PHE D 189 16.58 -29.73 14.76
N ASN D 190 17.60 -29.31 15.52
CA ASN D 190 17.32 -28.82 16.87
C ASN D 190 16.36 -27.62 16.83
N VAL D 191 16.53 -26.74 15.83
CA VAL D 191 15.61 -25.63 15.68
C VAL D 191 14.20 -26.12 15.25
N LEU D 192 14.15 -27.03 14.28
CA LEU D 192 12.87 -27.57 13.81
C LEU D 192 12.00 -28.07 14.97
N LYS D 193 12.59 -28.92 15.81
CA LYS D 193 11.79 -29.51 16.89
C LYS D 193 11.29 -28.48 17.90
N SER D 194 11.98 -27.36 18.02
CA SER D 194 11.57 -26.35 18.99
C SER D 194 10.34 -25.54 18.50
N LEU D 195 10.11 -25.55 17.20
CA LEU D 195 9.11 -24.63 16.62
C LEU D 195 7.68 -24.96 17.06
N MET D 196 7.40 -26.22 17.36
CA MET D 196 6.05 -26.57 17.75
C MET D 196 5.75 -26.31 19.24
N LYS D 197 6.79 -26.06 20.03
CA LYS D 197 6.67 -26.11 21.49
C LYS D 197 6.41 -24.77 22.14
N HIS D 198 5.61 -24.82 23.21
CA HIS D 198 5.46 -23.68 24.09
C HIS D 198 4.98 -24.17 25.44
N PRO D 199 5.54 -23.62 26.53
CA PRO D 199 5.17 -24.09 27.86
C PRO D 199 3.68 -23.90 28.15
N LYS D 200 3.05 -22.89 27.58
CA LYS D 200 1.62 -22.66 27.88
C LYS D 200 0.75 -23.66 27.12
N THR D 201 1.26 -24.18 26.01
CA THR D 201 0.59 -25.30 25.32
C THR D 201 0.55 -26.52 26.24
N ASP D 202 1.72 -26.89 26.80
CA ASP D 202 1.82 -28.05 27.70
C ASP D 202 0.93 -27.87 28.94
N GLU D 203 1.00 -26.67 29.53
N GLU D 203 0.98 -26.68 29.53
CA GLU D 203 0.23 -26.32 30.74
CA GLU D 203 0.21 -26.40 30.75
C GLU D 203 -1.27 -26.41 30.47
C GLU D 203 -1.30 -26.38 30.49
N GLY D 204 -1.68 -25.89 29.32
CA GLY D 204 -3.08 -25.86 28.92
C GLY D 204 -3.63 -27.25 28.67
N LEU D 205 -2.85 -28.10 28.01
CA LEU D 205 -3.27 -29.48 27.80
C LEU D 205 -3.48 -30.21 29.14
N ALA D 206 -2.55 -30.03 30.06
CA ALA D 206 -2.63 -30.71 31.35
C ALA D 206 -3.92 -30.35 32.09
N LYS D 207 -4.26 -29.05 32.05
CA LYS D 207 -5.47 -28.56 32.69
C LYS D 207 -6.74 -29.12 32.03
N PHE D 208 -6.77 -29.13 30.69
CA PHE D 208 -7.91 -29.69 29.98
C PHE D 208 -8.12 -31.16 30.33
N LEU D 209 -7.03 -31.92 30.39
CA LEU D 209 -7.06 -33.34 30.72
C LEU D 209 -7.64 -33.58 32.10
N GLU D 210 -7.20 -32.76 33.06
CA GLU D 210 -7.69 -32.87 34.43
C GLU D 210 -9.17 -32.55 34.52
N ASP D 211 -9.58 -31.45 33.90
CA ASP D 211 -10.98 -31.06 33.97
C ASP D 211 -11.86 -32.13 33.35
N TRP D 212 -11.42 -32.70 32.23
CA TRP D 212 -12.25 -33.67 31.54
C TRP D 212 -12.49 -34.92 32.39
N LYS D 213 -11.47 -35.32 33.14
CA LYS D 213 -11.59 -36.53 33.96
C LYS D 213 -12.72 -36.39 34.97
N LYS D 214 -13.11 -35.16 35.27
CA LYS D 214 -14.22 -34.86 36.18
C LYS D 214 -15.56 -35.38 35.66
N VAL D 215 -15.69 -35.45 34.33
CA VAL D 215 -16.93 -35.92 33.72
C VAL D 215 -16.78 -37.21 32.93
N SER D 216 -15.54 -37.61 32.67
CA SER D 216 -15.30 -38.87 31.98
C SER D 216 -14.12 -39.58 32.62
N PRO D 217 -14.42 -40.45 33.60
CA PRO D 217 -13.43 -41.16 34.42
C PRO D 217 -12.31 -41.76 33.58
N ASP D 218 -12.69 -42.47 32.52
CA ASP D 218 -11.73 -43.14 31.64
C ASP D 218 -10.97 -42.16 30.76
N GLY D 219 -11.45 -40.92 30.69
CA GLY D 219 -10.81 -39.91 29.88
C GLY D 219 -11.22 -39.98 28.42
N LYS D 220 -12.29 -40.73 28.17
CA LYS D 220 -12.79 -40.94 26.81
C LYS D 220 -13.66 -39.77 26.33
N LEU D 221 -13.78 -39.64 25.02
CA LEU D 221 -14.77 -38.76 24.44
C LEU D 221 -15.70 -39.60 23.57
N ILE D 222 -16.73 -40.16 24.20
CA ILE D 222 -17.62 -41.08 23.53
C ILE D 222 -18.82 -40.35 22.92
N LEU D 223 -18.88 -40.35 21.59
CA LEU D 223 -19.90 -39.65 20.83
C LEU D 223 -20.57 -40.57 19.82
N MET E 1 16.54 -5.05 -11.52
CA MET E 1 17.41 -3.92 -11.84
C MET E 1 18.46 -4.33 -12.86
N LYS E 2 18.51 -3.63 -14.01
CA LYS E 2 19.58 -3.82 -15.00
C LYS E 2 20.86 -3.21 -14.50
N ILE E 3 21.99 -3.83 -14.85
CA ILE E 3 23.28 -3.32 -14.44
C ILE E 3 24.11 -3.09 -15.69
N PHE E 4 24.48 -1.83 -15.92
CA PHE E 4 25.33 -1.44 -17.06
C PHE E 4 26.73 -1.13 -16.57
N LEU E 5 27.70 -1.27 -17.46
CA LEU E 5 29.08 -0.80 -17.24
C LEU E 5 29.27 0.62 -17.77
N ASP E 6 29.84 1.47 -16.92
CA ASP E 6 30.05 2.88 -17.25
C ASP E 6 31.51 3.10 -17.61
N THR E 7 31.86 2.86 -18.86
CA THR E 7 33.25 2.96 -19.28
C THR E 7 33.31 2.91 -20.79
N ALA E 8 34.44 3.34 -21.37
CA ALA E 8 34.66 3.16 -22.81
C ALA E 8 35.89 2.27 -23.03
N ASN E 9 36.38 1.72 -21.93
CA ASN E 9 37.52 0.81 -22.00
C ASN E 9 37.09 -0.57 -22.49
N ILE E 10 37.49 -0.91 -23.71
CA ILE E 10 37.12 -2.19 -24.33
C ILE E 10 37.51 -3.45 -23.53
N ASP E 11 38.66 -3.43 -22.87
CA ASP E 11 39.08 -4.59 -22.07
C ASP E 11 38.15 -4.84 -20.90
N GLU E 12 37.77 -3.76 -20.21
CA GLU E 12 36.85 -3.84 -19.10
C GLU E 12 35.50 -4.33 -19.58
N ILE E 13 35.04 -3.80 -20.72
CA ILE E 13 33.76 -4.22 -21.26
C ILE E 13 33.76 -5.69 -21.68
N ARG E 14 34.80 -6.11 -22.40
CA ARG E 14 34.91 -7.50 -22.81
C ARG E 14 34.91 -8.42 -21.60
N THR E 15 35.62 -8.02 -20.56
CA THR E 15 35.68 -8.82 -19.33
C THR E 15 34.32 -8.93 -18.63
N GLY E 16 33.64 -7.81 -18.45
CA GLY E 16 32.35 -7.81 -17.78
C GLY E 16 31.31 -8.57 -18.59
N VAL E 17 31.40 -8.45 -19.91
CA VAL E 17 30.48 -9.18 -20.77
C VAL E 17 30.71 -10.69 -20.64
N ASN E 18 31.97 -11.09 -20.59
CA ASN E 18 32.28 -12.50 -20.39
C ASN E 18 31.77 -13.05 -19.06
N TRP E 19 31.78 -12.22 -18.02
CA TRP E 19 31.25 -12.62 -16.72
C TRP E 19 29.75 -12.90 -16.76
N GLY E 20 29.06 -12.34 -17.76
CA GLY E 20 27.64 -12.56 -17.90
C GLY E 20 26.74 -11.66 -17.04
N ILE E 21 27.33 -10.67 -16.38
CA ILE E 21 26.56 -9.81 -15.46
C ILE E 21 26.35 -8.37 -15.95
N VAL E 22 26.77 -8.08 -17.19
CA VAL E 22 26.62 -6.74 -17.74
C VAL E 22 25.47 -6.70 -18.76
N ASP E 23 24.51 -5.80 -18.54
CA ASP E 23 23.30 -5.74 -19.37
C ASP E 23 23.35 -4.65 -20.46
N GLY E 24 24.40 -3.84 -20.45
CA GLY E 24 24.47 -2.68 -21.32
C GLY E 24 25.67 -1.84 -20.92
N VAL E 25 25.95 -0.79 -21.68
CA VAL E 25 27.09 0.08 -21.42
C VAL E 25 26.68 1.54 -21.55
N THR E 26 27.19 2.40 -20.69
CA THR E 26 27.10 3.84 -20.92
C THR E 26 28.48 4.42 -21.15
N THR E 27 28.55 5.40 -22.05
CA THR E 27 29.77 6.17 -22.29
C THR E 27 29.45 7.66 -22.24
N ASN E 28 30.49 8.47 -22.29
CA ASN E 28 30.32 9.91 -22.36
C ASN E 28 31.58 10.51 -23.00
N PRO E 29 31.56 11.80 -23.34
CA PRO E 29 32.73 12.32 -24.06
C PRO E 29 34.05 12.21 -23.27
N THR E 30 33.97 12.30 -21.93
CA THR E 30 35.18 12.18 -21.12
C THR E 30 35.73 10.74 -21.19
N LEU E 31 34.85 9.77 -20.97
CA LEU E 31 35.27 8.36 -21.04
C LEU E 31 35.88 7.99 -22.39
N ILE E 32 35.24 8.42 -23.47
CA ILE E 32 35.73 8.06 -24.78
C ILE E 32 37.06 8.76 -25.08
N SER E 33 37.11 10.05 -24.79
CA SER E 33 38.32 10.82 -25.06
C SER E 33 39.51 10.23 -24.30
N LYS E 34 39.23 9.63 -23.14
CA LYS E 34 40.25 8.97 -22.34
C LYS E 34 40.89 7.80 -23.08
N GLU E 35 40.06 7.00 -23.76
CA GLU E 35 40.53 5.80 -24.45
C GLU E 35 41.11 6.10 -25.83
N ALA E 36 40.74 7.23 -26.41
CA ALA E 36 41.10 7.53 -27.79
C ALA E 36 42.41 8.29 -27.84
N VAL E 37 43.46 7.65 -27.37
CA VAL E 37 44.79 8.23 -27.38
C VAL E 37 45.81 7.23 -27.95
N ASN E 38 47.01 7.71 -28.28
CA ASN E 38 48.04 6.83 -28.81
C ASN E 38 47.56 6.04 -30.03
N GLY E 39 46.84 6.73 -30.91
CA GLY E 39 46.43 6.15 -32.18
C GLY E 39 45.02 5.58 -32.26
N LYS E 40 44.38 5.35 -31.11
CA LYS E 40 43.02 4.84 -31.10
C LYS E 40 42.02 5.91 -31.48
N LYS E 41 41.10 5.57 -32.37
CA LYS E 41 40.12 6.52 -32.90
C LYS E 41 38.77 6.35 -32.21
N TYR E 42 38.14 7.46 -31.85
CA TYR E 42 36.88 7.39 -31.15
C TYR E 42 35.80 6.65 -31.97
N GLY E 43 35.85 6.77 -33.29
CA GLY E 43 34.91 6.09 -34.15
C GLY E 43 35.01 4.58 -34.03
N ASP E 44 36.24 4.06 -34.03
CA ASP E 44 36.48 2.63 -33.85
C ASP E 44 36.03 2.13 -32.47
N ILE E 45 36.36 2.91 -31.43
CA ILE E 45 35.98 2.57 -30.06
C ILE E 45 34.47 2.42 -29.93
N ILE E 46 33.73 3.40 -30.42
CA ILE E 46 32.27 3.36 -30.37
C ILE E 46 31.71 2.14 -31.12
N ARG E 47 32.20 1.89 -32.33
CA ARG E 47 31.69 0.78 -33.11
C ARG E 47 32.01 -0.54 -32.43
N GLU E 48 33.17 -0.60 -31.78
CA GLU E 48 33.63 -1.86 -31.19
C GLU E 48 32.76 -2.20 -30.00
N ILE E 49 32.42 -1.19 -29.21
CA ILE E 49 31.54 -1.40 -28.07
C ILE E 49 30.16 -1.87 -28.56
N LEU E 50 29.63 -1.20 -29.59
CA LEU E 50 28.34 -1.60 -30.15
C LEU E 50 28.31 -3.06 -30.58
N LYS E 51 29.41 -3.53 -31.17
CA LYS E 51 29.51 -4.89 -31.63
C LYS E 51 29.48 -5.93 -30.50
N ILE E 52 30.25 -5.71 -29.46
CA ILE E 52 30.37 -6.73 -28.41
C ILE E 52 29.28 -6.71 -27.33
N VAL E 53 28.60 -5.59 -27.16
CA VAL E 53 27.54 -5.51 -26.16
C VAL E 53 26.17 -5.79 -26.78
N ASP E 54 25.51 -6.86 -26.32
CA ASP E 54 24.20 -7.23 -26.85
C ASP E 54 23.17 -6.15 -26.51
N GLY E 55 23.29 -5.60 -25.32
CA GLY E 55 22.30 -4.68 -24.78
C GLY E 55 22.49 -3.23 -25.18
N PRO E 56 21.74 -2.33 -24.52
CA PRO E 56 21.81 -0.90 -24.84
C PRO E 56 23.21 -0.34 -24.66
N VAL E 57 23.62 0.52 -25.59
CA VAL E 57 24.91 1.21 -25.47
C VAL E 57 24.64 2.70 -25.67
N SER E 58 24.88 3.48 -24.62
N SER E 58 24.92 3.49 -24.64
CA SER E 58 24.62 4.91 -24.67
CA SER E 58 24.59 4.91 -24.67
C SER E 58 25.83 5.66 -25.19
C SER E 58 25.78 5.78 -25.09
N VAL E 59 25.60 6.54 -26.16
CA VAL E 59 26.67 7.33 -26.77
C VAL E 59 26.22 8.78 -26.85
N GLU E 60 27.01 9.69 -26.30
CA GLU E 60 26.60 11.10 -26.16
C GLU E 60 26.92 11.97 -27.38
N VAL E 61 25.96 12.79 -27.77
CA VAL E 61 26.20 13.82 -28.78
C VAL E 61 27.13 14.88 -28.21
N VAL E 62 27.77 15.67 -29.09
CA VAL E 62 28.68 16.69 -28.62
C VAL E 62 28.20 18.10 -28.95
N SER E 63 27.35 18.22 -29.97
CA SER E 63 26.71 19.49 -30.27
C SER E 63 25.92 20.03 -29.11
N THR E 64 25.87 21.34 -29.00
CA THR E 64 25.07 22.01 -27.98
C THR E 64 23.79 22.60 -28.57
N LYS E 65 23.66 22.56 -29.90
CA LYS E 65 22.48 23.14 -30.54
C LYS E 65 21.54 22.07 -31.05
N TYR E 66 20.26 22.38 -31.06
CA TYR E 66 19.23 21.43 -31.47
C TYR E 66 19.53 20.68 -32.77
N GLU E 67 19.82 21.41 -33.84
N GLU E 67 19.82 21.42 -33.84
CA GLU E 67 20.02 20.77 -35.15
CA GLU E 67 20.06 20.81 -35.13
C GLU E 67 21.21 19.81 -35.13
C GLU E 67 21.20 19.81 -35.09
N GLY E 68 22.33 20.25 -34.56
CA GLY E 68 23.49 19.38 -34.44
C GLY E 68 23.21 18.15 -33.59
N MET E 69 22.54 18.33 -32.45
CA MET E 69 22.17 17.18 -31.64
C MET E 69 21.33 16.16 -32.41
N VAL E 70 20.31 16.63 -33.11
CA VAL E 70 19.44 15.71 -33.84
C VAL E 70 20.23 14.98 -34.95
N GLU E 71 21.09 15.71 -35.65
CA GLU E 71 21.91 15.10 -36.70
C GLU E 71 22.89 14.06 -36.18
N GLU E 72 23.58 14.40 -35.09
CA GLU E 72 24.52 13.47 -34.48
C GLU E 72 23.77 12.27 -33.94
N ALA E 73 22.59 12.50 -33.36
CA ALA E 73 21.78 11.40 -32.87
C ALA E 73 21.38 10.41 -33.97
N ARG E 74 21.00 10.91 -35.14
CA ARG E 74 20.64 10.00 -36.22
C ARG E 74 21.84 9.16 -36.66
N LYS E 75 23.02 9.77 -36.70
CA LYS E 75 24.24 9.03 -37.05
C LYS E 75 24.55 7.92 -36.03
N ILE E 76 24.43 8.24 -34.75
CA ILE E 76 24.65 7.25 -33.71
C ILE E 76 23.66 6.12 -33.87
N HIS E 77 22.39 6.47 -34.04
CA HIS E 77 21.36 5.47 -34.25
C HIS E 77 21.70 4.54 -35.40
N GLY E 78 22.28 5.11 -36.46
CA GLY E 78 22.56 4.34 -37.66
C GLY E 78 23.67 3.32 -37.48
N LEU E 79 24.40 3.41 -36.37
CA LEU E 79 25.53 2.53 -36.14
C LEU E 79 25.11 1.16 -35.63
N GLY E 80 23.88 1.06 -35.11
CA GLY E 80 23.38 -0.21 -34.60
C GLY E 80 22.10 -0.02 -33.83
N ASP E 81 21.22 -1.01 -33.87
CA ASP E 81 19.91 -0.86 -33.25
C ASP E 81 19.97 -0.83 -31.72
N ASN E 82 21.11 -1.22 -31.14
CA ASN E 82 21.29 -1.11 -29.68
C ASN E 82 21.84 0.22 -29.20
N ALA E 83 22.17 1.12 -30.13
CA ALA E 83 22.63 2.44 -29.72
C ALA E 83 21.53 3.27 -29.07
N VAL E 84 21.88 3.92 -27.97
CA VAL E 84 20.99 4.85 -27.27
C VAL E 84 21.69 6.19 -27.29
N VAL E 85 20.97 7.25 -27.65
CA VAL E 85 21.62 8.56 -27.80
C VAL E 85 21.53 9.36 -26.50
N LYS E 86 22.70 9.70 -25.94
CA LYS E 86 22.77 10.46 -24.71
C LYS E 86 22.71 11.96 -25.04
N ILE E 87 21.79 12.66 -24.38
CA ILE E 87 21.49 14.06 -24.68
C ILE E 87 21.44 14.80 -23.34
N PRO E 88 22.11 15.96 -23.24
CA PRO E 88 22.13 16.66 -21.94
C PRO E 88 20.84 17.39 -21.60
N MET E 89 20.61 17.61 -20.31
CA MET E 89 19.46 18.33 -19.81
C MET E 89 19.63 19.83 -20.07
N THR E 90 19.25 20.24 -21.27
CA THR E 90 19.27 21.65 -21.64
C THR E 90 18.03 21.91 -22.49
N GLU E 91 17.75 23.19 -22.73
CA GLU E 91 16.60 23.54 -23.55
C GLU E 91 16.64 22.84 -24.91
N ASP E 92 17.75 22.98 -25.63
N ASP E 92 17.75 22.99 -25.62
CA ASP E 92 17.87 22.33 -26.93
CA ASP E 92 17.94 22.32 -26.90
C ASP E 92 17.87 20.80 -26.82
C ASP E 92 17.80 20.81 -26.76
N GLY E 93 18.36 20.28 -25.68
CA GLY E 93 18.32 18.84 -25.45
C GLY E 93 16.91 18.30 -25.32
N LEU E 94 16.06 18.99 -24.55
CA LEU E 94 14.68 18.55 -24.41
C LEU E 94 13.98 18.58 -25.78
N ARG E 95 14.23 19.63 -26.55
CA ARG E 95 13.66 19.69 -27.91
C ARG E 95 14.13 18.52 -28.78
N ALA E 96 15.43 18.23 -28.74
CA ALA E 96 15.98 17.08 -29.46
C ALA E 96 15.35 15.75 -29.01
N ILE E 97 15.22 15.55 -27.71
CA ILE E 97 14.64 14.30 -27.22
C ILE E 97 13.21 14.13 -27.79
N LYS E 98 12.42 15.19 -27.75
CA LYS E 98 11.05 15.10 -28.27
C LYS E 98 11.04 14.68 -29.74
N THR E 99 11.89 15.33 -30.53
CA THR E 99 12.00 14.96 -31.95
C THR E 99 12.48 13.53 -32.15
N LEU E 100 13.54 13.14 -31.44
CA LEU E 100 14.08 11.81 -31.61
C LEU E 100 13.10 10.74 -31.12
N SER E 101 12.35 11.03 -30.06
CA SER E 101 11.34 10.09 -29.62
C SER E 101 10.33 9.85 -30.75
N SER E 102 9.92 10.91 -31.45
CA SER E 102 8.95 10.76 -32.53
C SER E 102 9.51 9.97 -33.72
N GLU E 103 10.83 9.90 -33.81
CA GLU E 103 11.53 9.14 -34.83
C GLU E 103 11.88 7.72 -34.36
N HIS E 104 11.39 7.35 -33.18
CA HIS E 104 11.66 6.05 -32.58
C HIS E 104 13.16 5.79 -32.43
N ILE E 105 13.86 6.82 -31.96
CA ILE E 105 15.27 6.69 -31.64
C ILE E 105 15.37 6.79 -30.11
N ASN E 106 15.87 5.72 -29.49
CA ASN E 106 16.00 5.69 -28.03
C ASN E 106 17.00 6.72 -27.52
N THR E 107 16.64 7.31 -26.37
CA THR E 107 17.37 8.44 -25.81
C THR E 107 17.65 8.27 -24.31
N ASN E 108 18.68 8.96 -23.85
CA ASN E 108 19.10 8.89 -22.44
C ASN E 108 19.46 10.31 -22.05
N CYS E 109 18.66 10.93 -21.17
CA CYS E 109 18.95 12.32 -20.83
C CYS E 109 19.94 12.35 -19.65
N THR E 110 21.02 13.09 -19.83
CA THR E 110 22.12 13.04 -18.88
C THR E 110 22.34 14.39 -18.20
N LEU E 111 23.28 14.44 -17.25
CA LEU E 111 23.58 15.64 -16.45
C LEU E 111 22.35 16.17 -15.74
N VAL E 112 21.63 15.23 -15.09
CA VAL E 112 20.47 15.54 -14.28
C VAL E 112 20.87 15.53 -12.81
N PHE E 113 20.49 16.57 -12.08
CA PHE E 113 20.95 16.74 -10.69
C PHE E 113 19.84 17.00 -9.69
N ASN E 114 18.59 17.04 -10.16
CA ASN E 114 17.47 17.14 -9.23
C ASN E 114 16.24 16.47 -9.82
N PRO E 115 15.19 16.28 -9.03
CA PRO E 115 14.07 15.47 -9.54
C PRO E 115 13.22 16.19 -10.56
N ILE E 116 13.19 17.52 -10.51
CA ILE E 116 12.34 18.21 -11.49
C ILE E 116 13.02 18.21 -12.87
N GLN E 117 14.34 18.31 -12.92
CA GLN E 117 15.00 18.08 -14.20
C GLN E 117 14.63 16.70 -14.75
N ALA E 118 14.61 15.69 -13.89
CA ALA E 118 14.30 14.32 -14.31
C ALA E 118 12.86 14.26 -14.84
N LEU E 119 11.95 14.94 -14.15
CA LEU E 119 10.55 15.01 -14.63
C LEU E 119 10.41 15.68 -16.01
N LEU E 120 11.11 16.79 -16.23
CA LEU E 120 11.06 17.46 -17.54
C LEU E 120 11.57 16.52 -18.63
N ALA E 121 12.64 15.78 -18.34
CA ALA E 121 13.15 14.85 -19.33
C ALA E 121 12.14 13.77 -19.66
N ALA E 122 11.48 13.22 -18.63
CA ALA E 122 10.40 12.26 -18.85
C ALA E 122 9.27 12.85 -19.71
N LYS E 123 8.92 14.11 -19.45
CA LYS E 123 7.83 14.77 -20.16
C LYS E 123 8.18 14.95 -21.63
N ALA E 124 9.47 14.97 -21.94
CA ALA E 124 9.89 15.10 -23.33
C ALA E 124 9.86 13.76 -24.06
N GLY E 125 9.64 12.67 -23.31
CA GLY E 125 9.52 11.34 -23.87
C GLY E 125 10.82 10.53 -23.85
N VAL E 126 11.76 10.91 -22.98
CA VAL E 126 13.07 10.24 -23.00
C VAL E 126 12.98 8.78 -22.54
N THR E 127 13.80 7.92 -23.12
CA THR E 127 13.75 6.50 -22.77
C THR E 127 14.34 6.23 -21.39
N TYR E 128 15.49 6.86 -21.11
CA TYR E 128 16.15 6.76 -19.81
C TYR E 128 16.51 8.15 -19.32
N VAL E 129 16.43 8.35 -18.00
CA VAL E 129 16.97 9.58 -17.40
C VAL E 129 18.10 9.19 -16.45
N SER E 130 19.20 9.96 -16.49
CA SER E 130 20.40 9.63 -15.71
C SER E 130 20.78 10.70 -14.69
N PRO E 131 20.19 10.64 -13.49
CA PRO E 131 20.65 11.52 -12.43
C PRO E 131 22.01 11.04 -11.93
N PHE E 132 22.84 11.99 -11.52
CA PHE E 132 24.21 11.72 -11.12
C PHE E 132 24.30 11.74 -9.59
N VAL E 133 24.61 10.63 -8.95
N VAL E 133 24.60 10.60 -8.99
CA VAL E 133 24.66 10.62 -7.49
CA VAL E 133 24.70 10.51 -7.53
C VAL E 133 26.04 11.00 -6.92
C VAL E 133 26.03 11.10 -7.05
N GLY E 134 27.12 10.53 -7.54
CA GLY E 134 28.45 10.84 -7.05
C GLY E 134 28.82 12.32 -7.08
N ARG E 135 28.40 13.02 -8.14
CA ARG E 135 28.73 14.43 -8.26
C ARG E 135 27.95 15.27 -7.28
N LEU E 136 26.80 14.78 -6.86
CA LEU E 136 26.08 15.40 -5.74
C LEU E 136 26.80 15.13 -4.42
N ASP E 137 27.19 13.88 -4.20
CA ASP E 137 28.00 13.56 -3.00
C ASP E 137 29.21 14.48 -2.93
N ASP E 138 29.86 14.71 -4.08
CA ASP E 138 31.04 15.59 -4.16
C ASP E 138 30.79 16.97 -3.54
N ILE E 139 29.62 17.53 -3.78
CA ILE E 139 29.31 18.88 -3.28
C ILE E 139 28.49 18.86 -1.98
N GLY E 140 28.53 17.72 -1.30
CA GLY E 140 27.99 17.62 0.05
C GLY E 140 26.50 17.45 0.22
N GLU E 141 25.84 16.90 -0.80
CA GLU E 141 24.46 16.45 -0.62
C GLU E 141 24.39 14.96 -0.95
N ASP E 142 23.61 14.21 -0.19
CA ASP E 142 23.49 12.78 -0.43
C ASP E 142 22.73 12.57 -1.73
N GLY E 143 23.42 12.17 -2.79
CA GLY E 143 22.78 12.09 -4.09
C GLY E 143 21.69 11.03 -4.17
N MET E 144 21.75 10.02 -3.32
CA MET E 144 20.72 8.98 -3.36
C MET E 144 19.33 9.52 -3.02
N GLN E 145 19.27 10.63 -2.32
CA GLN E 145 17.98 11.23 -1.99
C GLN E 145 17.22 11.71 -3.23
N ILE E 146 17.94 12.15 -4.26
CA ILE E 146 17.32 12.56 -5.53
C ILE E 146 16.74 11.35 -6.26
N ILE E 147 17.44 10.21 -6.17
CA ILE E 147 16.95 8.98 -6.78
C ILE E 147 15.63 8.56 -6.13
N ASP E 148 15.56 8.67 -4.81
CA ASP E 148 14.35 8.31 -4.09
C ASP E 148 13.18 9.19 -4.52
N MET E 149 13.40 10.49 -4.61
CA MET E 149 12.31 11.39 -5.01
C MET E 149 11.87 11.13 -6.43
N ILE E 150 12.83 10.89 -7.32
CA ILE E 150 12.50 10.59 -8.71
C ILE E 150 11.65 9.32 -8.79
N ARG E 151 11.98 8.32 -7.99
CA ARG E 151 11.19 7.08 -8.02
C ARG E 151 9.75 7.33 -7.61
N THR E 152 9.57 8.13 -6.57
CA THR E 152 8.23 8.45 -6.06
C THR E 152 7.45 9.23 -7.12
N ILE E 153 8.09 10.25 -7.68
CA ILE E 153 7.42 11.07 -8.71
C ILE E 153 6.99 10.21 -9.93
N PHE E 154 7.92 9.40 -10.40
CA PHE E 154 7.62 8.53 -11.55
C PHE E 154 6.53 7.54 -11.19
N ASN E 155 6.54 7.02 -9.97
CA ASN E 155 5.45 6.13 -9.57
C ASN E 155 4.10 6.87 -9.57
N ASN E 156 4.08 8.09 -9.07
CA ASN E 156 2.86 8.89 -8.95
C ASN E 156 2.17 9.02 -10.31
N TYR E 157 2.96 9.21 -11.36
CA TYR E 157 2.40 9.56 -12.67
C TYR E 157 2.50 8.39 -13.66
N ILE E 158 2.84 7.20 -13.15
CA ILE E 158 3.02 6.03 -14.00
C ILE E 158 3.91 6.35 -15.21
N ILE E 159 5.05 6.97 -14.93
CA ILE E 159 5.96 7.41 -15.97
C ILE E 159 6.77 6.22 -16.49
N LYS E 160 6.90 6.11 -17.82
CA LYS E 160 7.55 4.95 -18.42
C LYS E 160 9.05 5.13 -18.66
N THR E 161 9.51 6.37 -18.53
CA THR E 161 10.94 6.65 -18.57
C THR E 161 11.65 5.84 -17.48
N GLN E 162 12.76 5.21 -17.83
CA GLN E 162 13.53 4.39 -16.86
C GLN E 162 14.54 5.25 -16.14
N ILE E 163 14.65 5.04 -14.84
CA ILE E 163 15.66 5.72 -14.05
C ILE E 163 16.96 4.94 -14.16
N LEU E 164 17.97 5.60 -14.72
CA LEU E 164 19.28 4.99 -14.98
C LEU E 164 20.28 5.74 -14.09
N VAL E 165 20.55 5.17 -12.92
CA VAL E 165 21.39 5.86 -11.93
C VAL E 165 22.84 5.92 -12.42
N ALA E 166 23.41 7.12 -12.47
CA ALA E 166 24.76 7.29 -12.98
C ALA E 166 25.68 7.98 -11.95
N SER E 167 26.92 8.23 -12.34
CA SER E 167 27.94 8.74 -11.40
C SER E 167 27.92 7.87 -10.14
N ILE E 168 27.95 6.56 -10.35
CA ILE E 168 28.03 5.62 -9.23
C ILE E 168 29.48 5.45 -8.77
N ARG E 169 29.70 5.50 -7.46
CA ARG E 169 31.06 5.49 -6.93
C ARG E 169 31.38 4.32 -6.03
N ASN E 170 30.37 3.61 -5.54
CA ASN E 170 30.60 2.57 -4.54
C ASN E 170 29.42 1.59 -4.52
N PRO E 171 29.57 0.43 -3.86
CA PRO E 171 28.50 -0.59 -3.91
C PRO E 171 27.27 -0.23 -3.09
N ILE E 172 27.35 0.80 -2.26
CA ILE E 172 26.20 1.21 -1.46
C ILE E 172 25.29 2.11 -2.31
N HIS E 173 25.87 2.87 -3.25
CA HIS E 173 25.02 3.48 -4.28
C HIS E 173 24.21 2.40 -4.99
N VAL E 174 24.85 1.26 -5.28
CA VAL E 174 24.16 0.16 -5.97
C VAL E 174 23.06 -0.45 -5.07
N LEU E 175 23.42 -0.78 -3.84
CA LEU E 175 22.44 -1.31 -2.88
C LEU E 175 21.22 -0.38 -2.70
N ARG E 176 21.49 0.91 -2.41
CA ARG E 176 20.40 1.85 -2.17
C ARG E 176 19.53 2.00 -3.41
N SER E 177 20.14 1.98 -4.59
CA SER E 177 19.36 2.08 -5.82
C SER E 177 18.41 0.91 -5.97
N ALA E 178 18.87 -0.30 -5.60
CA ALA E 178 18.02 -1.48 -5.70
C ALA E 178 16.87 -1.46 -4.69
N VAL E 179 17.15 -0.99 -3.47
CA VAL E 179 16.14 -0.88 -2.42
C VAL E 179 15.10 0.17 -2.78
N ILE E 180 15.55 1.28 -3.37
CA ILE E 180 14.61 2.29 -3.88
C ILE E 180 13.77 1.77 -5.05
N GLY E 181 14.40 0.99 -5.93
CA GLY E 181 13.71 0.43 -7.09
C GLY E 181 14.04 1.15 -8.39
N ALA E 182 15.26 1.69 -8.50
CA ALA E 182 15.68 2.26 -9.77
C ALA E 182 15.73 1.19 -10.86
N ASP E 183 15.42 1.58 -12.09
CA ASP E 183 15.37 0.62 -13.18
C ASP E 183 16.72 0.07 -13.61
N VAL E 184 17.73 0.91 -13.58
CA VAL E 184 19.06 0.55 -14.06
C VAL E 184 20.10 1.26 -13.18
N VAL E 185 21.25 0.64 -12.96
CA VAL E 185 22.42 1.37 -12.47
C VAL E 185 23.52 1.20 -13.50
N THR E 186 24.31 2.24 -13.73
CA THR E 186 25.50 2.04 -14.56
C THR E 186 26.72 2.28 -13.66
N VAL E 187 27.69 1.37 -13.70
CA VAL E 187 28.75 1.36 -12.68
C VAL E 187 30.13 1.26 -13.32
N PRO E 188 31.13 1.91 -12.70
CA PRO E 188 32.48 1.73 -13.19
C PRO E 188 32.97 0.30 -12.92
N PHE E 189 33.95 -0.13 -13.69
CA PHE E 189 34.45 -1.48 -13.62
C PHE E 189 34.94 -1.85 -12.22
N ASN E 190 35.62 -0.93 -11.54
CA ASN E 190 36.09 -1.22 -10.18
C ASN E 190 34.92 -1.58 -9.25
N VAL E 191 33.83 -0.84 -9.37
CA VAL E 191 32.64 -1.13 -8.58
C VAL E 191 32.00 -2.47 -9.00
N LEU E 192 31.89 -2.68 -10.31
CA LEU E 192 31.28 -3.90 -10.80
C LEU E 192 31.95 -5.15 -10.23
N LYS E 193 33.27 -5.17 -10.23
CA LYS E 193 33.91 -6.40 -9.80
C LYS E 193 33.73 -6.63 -8.29
N SER E 194 33.54 -5.55 -7.55
N SER E 194 33.57 -5.54 -7.55
CA SER E 194 33.36 -5.67 -6.11
CA SER E 194 33.33 -5.62 -6.12
C SER E 194 32.00 -6.27 -5.76
C SER E 194 32.03 -6.37 -5.84
N LEU E 195 31.02 -6.11 -6.66
CA LEU E 195 29.65 -6.57 -6.35
C LEU E 195 29.49 -8.06 -6.08
N MET E 196 30.31 -8.90 -6.71
CA MET E 196 30.16 -10.33 -6.51
C MET E 196 30.83 -10.83 -5.22
N LYS E 197 31.64 -9.99 -4.58
CA LYS E 197 32.58 -10.49 -3.56
C LYS E 197 32.13 -10.29 -2.12
N HIS E 198 32.54 -11.20 -1.26
CA HIS E 198 32.36 -11.02 0.19
C HIS E 198 33.30 -11.97 0.89
N PRO E 199 33.94 -11.51 1.97
CA PRO E 199 34.94 -12.36 2.61
C PRO E 199 34.33 -13.66 3.19
N LYS E 200 33.07 -13.64 3.60
CA LYS E 200 32.46 -14.85 4.16
C LYS E 200 32.15 -15.86 3.03
N THR E 201 32.02 -15.37 1.81
CA THR E 201 31.88 -16.27 0.66
C THR E 201 33.20 -17.02 0.49
N ASP E 202 34.30 -16.28 0.49
CA ASP E 202 35.62 -16.92 0.33
C ASP E 202 35.86 -17.92 1.45
N GLU E 203 35.59 -17.49 2.69
CA GLU E 203 35.86 -18.33 3.85
C GLU E 203 34.98 -19.58 3.82
N GLY E 204 33.74 -19.43 3.39
CA GLY E 204 32.84 -20.57 3.35
C GLY E 204 33.28 -21.63 2.34
N LEU E 205 33.73 -21.17 1.18
CA LEU E 205 34.24 -22.06 0.15
C LEU E 205 35.47 -22.83 0.63
N ALA E 206 36.37 -22.13 1.32
CA ALA E 206 37.58 -22.79 1.78
C ALA E 206 37.27 -23.91 2.78
N LYS E 207 36.27 -23.69 3.64
CA LYS E 207 35.86 -24.69 4.63
C LYS E 207 35.19 -25.89 3.94
N PHE E 208 34.22 -25.63 3.05
CA PHE E 208 33.62 -26.70 2.24
C PHE E 208 34.68 -27.54 1.53
N LEU E 209 35.73 -26.88 1.03
CA LEU E 209 36.82 -27.58 0.33
C LEU E 209 37.53 -28.53 1.29
N GLU E 210 37.92 -27.98 2.44
CA GLU E 210 38.62 -28.75 3.46
C GLU E 210 37.79 -29.94 3.95
N ASP E 211 36.51 -29.72 4.23
CA ASP E 211 35.69 -30.81 4.75
C ASP E 211 35.45 -31.91 3.71
N TRP E 212 35.29 -31.52 2.46
CA TRP E 212 35.03 -32.50 1.42
C TRP E 212 36.24 -33.41 1.24
N LYS E 213 37.43 -32.88 1.49
CA LYS E 213 38.64 -33.68 1.31
C LYS E 213 38.66 -34.89 2.23
N LYS E 214 37.87 -34.82 3.30
CA LYS E 214 37.78 -35.92 4.26
C LYS E 214 37.09 -37.14 3.65
N VAL E 215 36.20 -36.89 2.70
CA VAL E 215 35.39 -37.94 2.13
C VAL E 215 35.85 -38.29 0.73
N SER E 216 36.63 -37.39 0.15
CA SER E 216 37.05 -37.53 -1.24
C SER E 216 38.43 -36.89 -1.42
N PRO E 217 39.49 -37.69 -1.21
CA PRO E 217 40.86 -37.16 -1.24
C PRO E 217 41.17 -36.37 -2.51
N ASP E 218 40.62 -36.76 -3.65
CA ASP E 218 40.93 -36.08 -4.91
C ASP E 218 40.06 -34.83 -5.16
N GLY E 219 39.15 -34.54 -4.23
CA GLY E 219 38.34 -33.35 -4.30
C GLY E 219 37.23 -33.38 -5.34
N LYS E 220 36.86 -34.58 -5.79
CA LYS E 220 35.83 -34.69 -6.82
C LYS E 220 34.49 -35.14 -6.26
N LEU E 221 33.44 -34.99 -7.06
CA LEU E 221 32.10 -35.42 -6.69
C LEU E 221 31.59 -36.40 -7.73
N ILE E 222 31.69 -37.68 -7.42
CA ILE E 222 31.34 -38.75 -8.35
C ILE E 222 29.92 -39.24 -8.12
N LEU E 223 29.05 -39.05 -9.11
CA LEU E 223 27.66 -39.49 -8.99
C LEU E 223 27.19 -40.31 -10.20
#